data_7VKR
#
_entry.id   7VKR
#
_cell.length_a   50.269
_cell.length_b   64.095
_cell.length_c   79.274
_cell.angle_alpha   90.100
_cell.angle_beta   93.270
_cell.angle_gamma   96.610
#
_symmetry.space_group_name_H-M   'P 1'
#
loop_
_entity.id
_entity.type
_entity.pdbx_description
1 polymer 'S-adenosylmethionine sensor upstream of mTORC1'
2 non-polymer S-ADENOSYLMETHIONINE
3 non-polymer 'CITRIC ACID'
4 water water
#
_entity_poly.entity_id   1
_entity_poly.type   'polypeptide(L)'
_entity_poly.pdbx_seq_one_letter_code
;GS(MSE)ATEEHQRLASIVKSCHESLRQLTKEYGATAAWQEHTSPRNAKQLAEYAKA(MSE)KQLAAIWETNDGKVELQA
RSRIKWAIDYITKYFFTEGIYLQKRQREQRLLESYRAEGKLGEVQCRL(MSE)EEPPDRLHVLDVGSCFNPFSSAPHLEV
TALDLCPATEDVLQADFLKVEVVPGIREPELEEGSVRRLPASHYECVIFSLLLEY(MSE)PSAEQRLQCCLQAYDLLLPE
GILVLITPDSQHVGKNAHL(MSE)KNWRYSLARIGLLRVRFEKLPHISC(MSE)VFRKAISRELSQHWASIHREEG
(MSE)CEEIRIPQDDS
;
_entity_poly.pdbx_strand_id   A,B,C,D
#
# COMPACT_ATOMS: atom_id res chain seq x y z
N ARG A 73 8.47 6.09 -20.68
CA ARG A 73 7.66 7.30 -20.87
C ARG A 73 8.51 8.59 -20.87
N SER A 74 8.47 9.31 -19.76
CA SER A 74 9.09 10.62 -19.66
C SER A 74 10.24 10.60 -18.66
N ARG A 75 11.36 11.27 -19.01
CA ARG A 75 12.51 11.35 -18.11
C ARG A 75 12.13 11.96 -16.76
N ILE A 76 11.18 12.89 -16.76
CA ILE A 76 10.80 13.54 -15.50
C ILE A 76 10.12 12.54 -14.59
N LYS A 77 9.13 11.83 -15.12
CA LYS A 77 8.45 10.81 -14.34
C LYS A 77 9.40 9.68 -13.96
N TRP A 78 10.31 9.34 -14.87
CA TRP A 78 11.30 8.30 -14.56
C TRP A 78 12.14 8.70 -13.35
N ALA A 79 12.58 9.96 -13.31
CA ALA A 79 13.46 10.41 -12.23
C ALA A 79 12.70 10.56 -10.92
N ILE A 80 11.48 11.10 -10.95
CA ILE A 80 10.69 11.20 -9.72
C ILE A 80 10.46 9.82 -9.11
N ASP A 81 10.12 8.86 -9.96
CA ASP A 81 9.88 7.51 -9.45
C ASP A 81 11.16 6.91 -8.86
N TYR A 82 12.29 7.11 -9.53
CA TYR A 82 13.54 6.53 -9.02
C TYR A 82 13.89 7.13 -7.66
N ILE A 83 13.85 8.46 -7.57
CA ILE A 83 14.17 9.14 -6.31
C ILE A 83 13.29 8.63 -5.19
N THR A 84 11.99 8.52 -5.45
CA THR A 84 11.06 8.02 -4.42
C THR A 84 11.45 6.61 -3.96
N LYS A 85 11.77 5.73 -4.91
CA LYS A 85 12.15 4.37 -4.56
C LYS A 85 13.46 4.36 -3.80
N TYR A 86 14.42 5.17 -4.23
CA TYR A 86 15.75 5.16 -3.63
C TYR A 86 15.68 5.57 -2.16
N PHE A 87 14.91 6.60 -1.83
CA PHE A 87 14.87 7.11 -0.46
C PHE A 87 13.67 6.61 0.36
N PHE A 88 12.51 6.34 -0.25
CA PHE A 88 11.31 5.99 0.52
C PHE A 88 10.84 4.56 0.27
N THR A 89 10.29 4.27 -0.90
CA THR A 89 9.45 3.07 -1.03
C THR A 89 10.24 1.78 -1.16
N GLU A 90 11.52 1.84 -1.52
CA GLU A 90 12.29 0.63 -1.67
C GLU A 90 13.58 0.64 -0.89
N GLY A 91 13.96 1.75 -0.27
CA GLY A 91 15.15 1.76 0.55
C GLY A 91 16.39 1.32 -0.20
N ILE A 92 16.47 1.71 -1.48
CA ILE A 92 17.64 1.34 -2.28
C ILE A 92 18.90 1.89 -1.65
N TYR A 93 18.82 3.03 -0.97
CA TYR A 93 20.01 3.58 -0.34
C TYR A 93 20.60 2.59 0.66
N LEU A 94 19.74 1.83 1.34
CA LEU A 94 20.20 0.82 2.30
C LEU A 94 20.70 -0.43 1.58
N GLN A 95 20.06 -0.80 0.47
CA GLN A 95 20.54 -1.95 -0.30
C GLN A 95 21.96 -1.70 -0.81
N LYS A 96 22.18 -0.54 -1.44
CA LYS A 96 23.50 -0.25 -1.99
C LYS A 96 24.52 -0.07 -0.88
N ARG A 97 24.11 0.47 0.27
CA ARG A 97 25.02 0.52 1.40
C ARG A 97 25.57 -0.86 1.74
N GLN A 98 24.71 -1.88 1.73
CA GLN A 98 25.18 -3.23 2.06
C GLN A 98 26.15 -3.74 1.00
N ARG A 99 25.79 -3.58 -0.27
CA ARG A 99 26.72 -3.94 -1.34
C ARG A 99 28.07 -3.27 -1.16
N GLU A 100 28.09 -1.99 -0.77
CA GLU A 100 29.36 -1.29 -0.62
C GLU A 100 30.12 -1.73 0.63
N GLN A 101 29.40 -2.05 1.71
CA GLN A 101 30.05 -2.64 2.87
C GLN A 101 30.68 -4.00 2.55
N ARG A 102 29.99 -4.85 1.79
CA ARG A 102 30.61 -6.12 1.43
C ARG A 102 31.81 -5.92 0.51
N LEU A 103 31.71 -4.97 -0.40
CA LEU A 103 32.80 -4.70 -1.33
C LEU A 103 34.04 -4.23 -0.56
N LEU A 104 33.82 -3.43 0.49
CA LEU A 104 34.94 -2.93 1.27
C LEU A 104 35.63 -4.07 2.02
N GLU A 105 34.84 -5.00 2.58
CA GLU A 105 35.45 -6.14 3.26
C GLU A 105 36.27 -6.98 2.29
N SER A 106 35.74 -7.21 1.07
CA SER A 106 36.51 -7.93 0.06
C SER A 106 37.84 -7.25 -0.21
N TYR A 107 37.82 -5.92 -0.38
CA TYR A 107 39.05 -5.20 -0.69
C TYR A 107 40.02 -5.23 0.47
N ARG A 108 39.54 -5.03 1.70
CA ARG A 108 40.41 -5.08 2.86
C ARG A 108 41.03 -6.46 3.03
N ALA A 109 40.24 -7.51 2.77
CA ALA A 109 40.73 -8.87 2.83
C ALA A 109 41.77 -9.18 1.78
N GLU A 110 41.94 -8.33 0.77
CA GLU A 110 42.98 -8.53 -0.21
C GLU A 110 44.14 -7.56 -0.03
N GLY A 111 44.17 -6.83 1.09
CA GLY A 111 45.25 -5.91 1.39
C GLY A 111 45.33 -4.68 0.51
N LYS A 112 44.39 -4.51 -0.44
CA LYS A 112 44.42 -3.41 -1.38
C LYS A 112 43.94 -2.10 -0.77
N LEU A 113 43.14 -2.16 0.31
CA LEU A 113 42.67 -1.00 1.05
C LEU A 113 42.88 -1.26 2.54
N GLY A 114 42.91 -0.18 3.32
CA GLY A 114 43.05 -0.29 4.76
C GLY A 114 41.84 0.23 5.51
N GLU A 115 42.09 1.08 6.52
CA GLU A 115 41.02 1.66 7.34
C GLU A 115 40.61 2.99 6.74
N VAL A 116 39.61 2.94 5.85
CA VAL A 116 39.08 4.11 5.18
C VAL A 116 37.97 4.73 6.03
N GLN A 117 37.67 6.01 5.81
CA GLN A 117 36.56 6.65 6.50
C GLN A 117 35.27 6.47 5.70
N CYS A 118 34.20 6.11 6.40
CA CYS A 118 32.89 5.92 5.80
C CYS A 118 31.92 6.96 6.36
N ARG A 119 31.06 7.48 5.50
CA ARG A 119 30.05 8.44 5.92
C ARG A 119 28.71 7.97 5.40
N LEU A 120 27.73 7.94 6.30
CA LEU A 120 26.41 7.38 6.05
C LEU A 120 25.36 8.45 6.21
N GLU A 122 21.62 9.64 7.48
CA GLU A 122 20.55 9.28 8.38
C GLU A 122 19.31 8.89 7.57
N GLU A 123 18.24 8.49 8.26
CA GLU A 123 17.03 8.17 7.52
C GLU A 123 16.59 9.41 6.76
N PRO A 124 16.12 9.26 5.52
CA PRO A 124 15.74 10.42 4.70
C PRO A 124 14.74 11.29 5.44
N PRO A 125 14.80 12.60 5.26
CA PRO A 125 13.75 13.47 5.78
C PRO A 125 12.48 13.27 4.98
N ASP A 126 11.37 13.75 5.55
CA ASP A 126 10.12 13.70 4.80
C ASP A 126 10.24 14.50 3.51
N ARG A 127 10.96 15.60 3.55
CA ARG A 127 11.14 16.47 2.39
C ARG A 127 12.60 16.43 1.94
N LEU A 128 12.83 15.92 0.73
CA LEU A 128 14.20 15.81 0.19
C LEU A 128 14.63 17.12 -0.45
N HIS A 129 15.89 17.49 -0.20
CA HIS A 129 16.47 18.67 -0.84
C HIS A 129 17.07 18.27 -2.17
N VAL A 130 16.52 18.82 -3.24
CA VAL A 130 16.85 18.42 -4.61
C VAL A 130 17.36 19.66 -5.35
N LEU A 131 18.50 19.52 -6.01
CA LEU A 131 19.04 20.60 -6.81
C LEU A 131 18.92 20.19 -8.28
N ASP A 132 18.17 20.99 -9.04
CA ASP A 132 17.87 20.73 -10.45
C ASP A 132 18.68 21.72 -11.29
N VAL A 133 19.74 21.25 -11.93
CA VAL A 133 20.73 22.10 -12.58
C VAL A 133 20.52 22.07 -14.09
N GLY A 134 20.38 23.24 -14.69
CA GLY A 134 19.91 23.30 -16.07
C GLY A 134 18.44 22.95 -16.09
N SER A 135 17.71 23.41 -15.08
CA SER A 135 16.33 23.02 -14.87
C SER A 135 15.40 23.53 -15.95
N CYS A 136 15.68 24.71 -16.51
CA CYS A 136 14.85 25.37 -17.51
C CYS A 136 13.50 25.84 -16.96
N PHE A 137 12.63 24.92 -16.52
CA PHE A 137 11.30 25.35 -16.11
C PHE A 137 10.83 24.72 -14.80
N ASN A 138 11.74 24.15 -14.01
CA ASN A 138 11.41 23.56 -12.70
C ASN A 138 10.34 22.47 -12.78
N PRO A 139 10.48 21.45 -13.65
CA PRO A 139 9.44 20.38 -13.66
C PRO A 139 9.33 19.64 -12.35
N PHE A 140 10.41 19.53 -11.55
CA PHE A 140 10.35 18.68 -10.37
C PHE A 140 9.68 19.34 -9.17
N SER A 141 9.40 20.64 -9.21
CA SER A 141 9.05 21.37 -7.99
C SER A 141 7.74 20.89 -7.36
N SER A 142 6.82 20.33 -8.14
CA SER A 142 5.54 19.90 -7.60
C SER A 142 5.51 18.42 -7.24
N ALA A 143 6.59 17.69 -7.46
CA ALA A 143 6.63 16.30 -7.09
C ALA A 143 6.58 16.18 -5.57
N PRO A 144 5.79 15.24 -5.04
CA PRO A 144 5.59 15.17 -3.59
C PRO A 144 6.89 14.86 -2.88
N HIS A 145 7.11 15.57 -1.77
CA HIS A 145 8.24 15.37 -0.87
C HIS A 145 9.59 15.73 -1.46
N LEU A 146 9.58 16.54 -2.52
CA LEU A 146 10.80 17.11 -3.10
C LEU A 146 10.80 18.61 -2.86
N GLU A 147 11.82 19.11 -2.18
CA GLU A 147 12.04 20.55 -1.99
C GLU A 147 13.14 20.94 -2.98
N VAL A 148 12.76 21.61 -4.07
CA VAL A 148 13.61 21.70 -5.25
C VAL A 148 14.18 23.09 -5.36
N THR A 149 15.51 23.17 -5.48
CA THR A 149 16.21 24.40 -5.84
C THR A 149 16.60 24.22 -7.31
N ALA A 150 16.10 25.12 -8.15
CA ALA A 150 16.24 24.99 -9.59
C ALA A 150 17.12 26.11 -10.08
N LEU A 151 18.14 25.76 -10.86
CA LEU A 151 19.11 26.70 -11.40
C LEU A 151 19.13 26.61 -12.91
N ASP A 152 19.29 27.74 -13.61
CA ASP A 152 19.51 27.66 -15.04
C ASP A 152 20.26 28.89 -15.55
N LEU A 153 21.10 28.65 -16.56
CA LEU A 153 21.83 29.73 -17.20
C LEU A 153 20.88 30.74 -17.80
N CYS A 154 19.76 30.28 -18.36
CA CYS A 154 18.78 31.13 -19.02
C CYS A 154 17.39 30.68 -18.62
N PRO A 155 16.95 31.03 -17.40
CA PRO A 155 15.66 30.52 -16.89
C PRO A 155 14.51 30.82 -17.83
N ALA A 156 13.58 29.86 -17.95
CA ALA A 156 12.37 30.10 -18.72
C ALA A 156 11.18 30.53 -17.86
N THR A 157 11.20 30.22 -16.58
CA THR A 157 10.11 30.58 -15.69
C THR A 157 10.70 31.26 -14.47
N GLU A 158 9.86 32.05 -13.80
CA GLU A 158 10.31 32.92 -12.72
C GLU A 158 10.77 32.17 -11.48
N ASP A 159 10.40 30.90 -11.33
CA ASP A 159 10.81 30.09 -10.19
C ASP A 159 12.12 29.33 -10.40
N VAL A 160 12.90 29.68 -11.41
CA VAL A 160 14.23 29.09 -11.61
C VAL A 160 15.26 30.16 -11.37
N LEU A 161 16.21 29.89 -10.49
CA LEU A 161 17.26 30.86 -10.23
C LEU A 161 18.23 30.90 -11.41
N GLN A 162 18.70 32.11 -11.72
CA GLN A 162 19.71 32.25 -12.77
C GLN A 162 21.06 31.86 -12.20
N ALA A 163 21.83 31.10 -12.98
CA ALA A 163 23.16 30.71 -12.54
C ALA A 163 23.91 30.07 -13.69
N ASP A 164 25.19 30.36 -13.77
CA ASP A 164 26.10 29.55 -14.57
C ASP A 164 26.77 28.61 -13.58
N PHE A 165 26.36 27.34 -13.61
CA PHE A 165 26.81 26.35 -12.62
C PHE A 165 28.33 26.22 -12.60
N LEU A 166 28.98 26.39 -13.75
CA LEU A 166 30.44 26.32 -13.77
C LEU A 166 31.10 27.40 -12.92
N LYS A 167 30.35 28.43 -12.53
CA LYS A 167 30.91 29.50 -11.73
C LYS A 167 30.35 29.48 -10.32
N VAL A 168 29.75 28.39 -9.91
CA VAL A 168 29.20 28.30 -8.56
C VAL A 168 30.22 27.67 -7.63
N GLU A 169 30.33 28.24 -6.43
CA GLU A 169 31.18 27.71 -5.38
C GLU A 169 30.32 26.89 -4.42
N VAL A 170 30.87 25.79 -3.94
CA VAL A 170 30.15 24.92 -3.00
C VAL A 170 30.74 25.20 -1.62
N VAL A 171 29.91 25.64 -0.69
CA VAL A 171 30.41 26.27 0.51
C VAL A 171 29.90 25.52 1.73
N PRO A 172 30.76 24.98 2.57
CA PRO A 172 30.27 24.41 3.84
C PRO A 172 29.83 25.53 4.77
N GLY A 173 28.93 25.20 5.68
CA GLY A 173 28.51 26.13 6.69
C GLY A 173 27.40 27.07 6.31
N ILE A 174 26.81 26.94 5.13
CA ILE A 174 25.65 27.75 4.78
C ILE A 174 24.46 26.81 4.54
N ARG A 175 23.28 27.41 4.51
CA ARG A 175 22.01 26.69 4.50
C ARG A 175 21.21 26.88 3.21
N GLU A 176 21.50 27.89 2.42
CA GLU A 176 20.70 28.23 1.25
C GLU A 176 21.60 28.90 0.22
N PRO A 177 21.13 29.04 -1.02
CA PRO A 177 21.97 29.68 -2.03
C PRO A 177 22.16 31.16 -1.73
N GLU A 178 23.33 31.68 -2.10
CA GLU A 178 23.63 33.10 -1.97
C GLU A 178 23.82 33.69 -3.36
N LEU A 179 23.17 34.82 -3.61
CA LEU A 179 23.12 35.44 -4.92
C LEU A 179 23.88 36.77 -4.89
N GLU A 180 24.51 37.08 -6.00
CA GLU A 180 25.12 38.39 -6.23
C GLU A 180 24.68 38.87 -7.61
N GLU A 181 24.15 40.08 -7.65
CA GLU A 181 23.66 40.67 -8.90
C GLU A 181 22.65 39.75 -9.56
N GLY A 182 21.83 39.08 -8.74
CA GLY A 182 20.78 38.21 -9.23
C GLY A 182 21.23 36.86 -9.74
N SER A 183 22.47 36.47 -9.51
CA SER A 183 23.01 35.22 -10.02
C SER A 183 23.46 34.37 -8.84
N VAL A 184 23.11 33.07 -8.85
CA VAL A 184 23.57 32.19 -7.79
C VAL A 184 25.08 32.07 -7.86
N ARG A 185 25.75 32.42 -6.78
CA ARG A 185 27.20 32.31 -6.80
C ARG A 185 27.74 31.29 -5.81
N ARG A 186 26.95 30.90 -4.80
CA ARG A 186 27.34 29.94 -3.77
C ARG A 186 26.16 29.05 -3.41
N LEU A 187 26.42 27.75 -3.24
CA LEU A 187 25.42 26.77 -2.80
C LEU A 187 25.96 26.00 -1.60
N PRO A 188 25.08 25.46 -0.75
CA PRO A 188 25.55 24.79 0.47
C PRO A 188 26.15 23.43 0.16
N ALA A 189 27.30 23.16 0.77
CA ALA A 189 27.98 21.90 0.58
C ALA A 189 27.28 20.80 1.36
N SER A 190 27.32 19.58 0.83
CA SER A 190 26.83 18.40 1.55
C SER A 190 25.43 18.62 2.12
N HIS A 191 24.51 19.01 1.24
CA HIS A 191 23.21 19.54 1.62
C HIS A 191 22.08 18.84 0.88
N TYR A 192 22.34 18.32 -0.32
CA TYR A 192 21.27 17.85 -1.19
C TYR A 192 21.22 16.33 -1.20
N GLU A 193 20.03 15.78 -0.98
CA GLU A 193 19.88 14.34 -1.16
C GLU A 193 20.01 13.97 -2.63
N CYS A 194 19.68 14.90 -3.53
CA CYS A 194 19.65 14.58 -4.95
C CYS A 194 20.11 15.79 -5.77
N VAL A 195 20.97 15.53 -6.75
CA VAL A 195 21.31 16.53 -7.77
C VAL A 195 20.90 15.94 -9.11
N ILE A 196 20.23 16.75 -9.93
CA ILE A 196 19.69 16.33 -11.22
C ILE A 196 20.37 17.10 -12.33
N PHE A 197 21.02 16.37 -13.23
CA PHE A 197 21.58 16.85 -14.50
C PHE A 197 20.75 16.23 -15.62
N SER A 198 19.62 16.85 -15.94
CA SER A 198 18.74 16.36 -17.01
C SER A 198 19.04 17.09 -18.33
N LEU A 199 19.71 16.39 -19.25
CA LEU A 199 20.11 16.93 -20.53
C LEU A 199 20.88 18.24 -20.34
N LEU A 200 21.78 18.24 -19.38
CA LEU A 200 22.62 19.40 -19.12
C LEU A 200 24.03 19.26 -19.65
N LEU A 201 24.65 18.08 -19.51
CA LEU A 201 26.10 18.03 -19.65
C LEU A 201 26.55 18.21 -21.09
N GLU A 202 25.71 17.84 -22.07
CA GLU A 202 26.05 18.08 -23.46
C GLU A 202 26.11 19.57 -23.82
N TYR A 203 25.72 20.47 -22.91
CA TYR A 203 25.91 21.90 -23.16
C TYR A 203 27.27 22.40 -22.74
N PRO A 205 31.18 23.07 -22.69
CA PRO A 205 32.12 23.17 -23.83
C PRO A 205 33.07 22.00 -23.94
N SER A 206 33.54 21.47 -22.82
CA SER A 206 34.63 20.51 -22.85
C SER A 206 34.30 19.28 -22.02
N ALA A 207 35.06 18.23 -22.29
CA ALA A 207 35.00 17.05 -21.43
C ALA A 207 35.37 17.40 -19.99
N GLU A 208 36.41 18.22 -19.81
CA GLU A 208 36.85 18.53 -18.46
C GLU A 208 35.82 19.36 -17.70
N GLN A 209 35.02 20.16 -18.40
CA GLN A 209 33.97 20.92 -17.74
C GLN A 209 32.76 20.06 -17.41
N ARG A 210 32.56 18.96 -18.13
CA ARG A 210 31.54 18.02 -17.72
C ARG A 210 31.95 17.29 -16.46
N LEU A 211 33.22 16.92 -16.36
CA LEU A 211 33.67 16.38 -15.09
C LEU A 211 33.54 17.41 -13.99
N GLN A 212 33.91 18.67 -14.26
CA GLN A 212 33.83 19.68 -13.20
C GLN A 212 32.44 19.73 -12.59
N CYS A 213 31.39 19.66 -13.42
CA CYS A 213 30.02 19.68 -12.91
C CYS A 213 29.75 18.50 -11.98
N CYS A 214 30.23 17.32 -12.35
CA CYS A 214 29.99 16.16 -11.50
C CYS A 214 30.76 16.28 -10.19
N LEU A 215 31.98 16.86 -10.22
CA LEU A 215 32.74 17.13 -9.00
C LEU A 215 31.98 18.08 -8.07
N GLN A 216 31.40 19.16 -8.62
CA GLN A 216 30.54 20.03 -7.82
C GLN A 216 29.33 19.27 -7.31
N ALA A 217 28.72 18.43 -8.15
CA ALA A 217 27.60 17.62 -7.70
C ALA A 217 27.98 16.79 -6.48
N TYR A 218 29.21 16.26 -6.46
CA TYR A 218 29.65 15.41 -5.36
C TYR A 218 29.81 16.21 -4.06
N ASP A 219 30.34 17.42 -4.13
CA ASP A 219 30.44 18.22 -2.91
C ASP A 219 29.09 18.72 -2.43
N LEU A 220 28.10 18.80 -3.32
CA LEU A 220 26.78 19.25 -2.96
C LEU A 220 25.95 18.17 -2.31
N LEU A 221 26.24 16.91 -2.60
CA LEU A 221 25.45 15.77 -2.15
C LEU A 221 25.73 15.47 -0.69
N LEU A 222 24.67 15.07 0.03
CA LEU A 222 24.83 14.37 1.29
C LEU A 222 25.47 13.01 1.04
N PRO A 223 26.20 12.47 2.03
CA PRO A 223 26.64 11.06 1.94
C PRO A 223 25.48 10.18 1.54
N GLU A 224 25.74 9.29 0.58
CA GLU A 224 24.79 8.37 -0.05
C GLU A 224 23.68 9.08 -0.84
N GLY A 225 23.80 10.39 -1.12
CA GLY A 225 22.90 11.02 -2.07
C GLY A 225 23.17 10.55 -3.49
N ILE A 226 22.31 10.97 -4.43
CA ILE A 226 22.37 10.44 -5.79
C ILE A 226 22.42 11.56 -6.83
N LEU A 227 23.28 11.36 -7.85
CA LEU A 227 23.29 12.21 -9.02
C LEU A 227 22.46 11.55 -10.12
N VAL A 228 21.39 12.22 -10.53
CA VAL A 228 20.58 11.73 -11.64
C VAL A 228 21.09 12.42 -12.90
N LEU A 229 21.58 11.60 -13.83
CA LEU A 229 22.20 12.06 -15.07
C LEU A 229 21.37 11.54 -16.23
N ILE A 230 20.80 12.45 -17.02
CA ILE A 230 20.03 12.09 -18.21
C ILE A 230 20.73 12.70 -19.41
N THR A 231 21.06 11.86 -20.39
CA THR A 231 21.81 12.31 -21.55
C THR A 231 21.17 11.79 -22.82
N PRO A 232 21.35 12.47 -23.94
CA PRO A 232 20.74 12.03 -25.19
C PRO A 232 21.66 11.09 -25.97
N ASP A 233 21.03 10.31 -26.84
CA ASP A 233 21.78 9.43 -27.73
C ASP A 233 22.45 10.24 -28.84
N ALA A 241 28.01 2.56 -25.49
CA ALA A 241 28.22 1.57 -24.42
C ALA A 241 29.60 1.69 -23.79
N HIS A 242 30.67 1.63 -24.60
CA HIS A 242 31.99 1.86 -24.04
C HIS A 242 32.11 3.26 -23.46
N LEU A 243 31.39 4.23 -24.03
CA LEU A 243 31.40 5.58 -23.49
C LEU A 243 30.73 5.62 -22.12
N LYS A 245 30.63 3.05 -20.13
CA LYS A 245 31.61 2.41 -19.26
C LYS A 245 32.69 3.40 -18.85
N ASN A 246 33.07 4.30 -19.77
CA ASN A 246 34.03 5.36 -19.43
C ASN A 246 33.43 6.34 -18.42
N TRP A 247 32.21 6.80 -18.65
CA TRP A 247 31.60 7.68 -17.67
C TRP A 247 31.51 6.98 -16.33
N ARG A 248 31.12 5.70 -16.34
CA ARG A 248 31.06 4.93 -15.11
C ARG A 248 32.40 4.92 -14.41
N TYR A 249 33.48 4.70 -15.17
CA TYR A 249 34.81 4.69 -14.58
C TYR A 249 35.22 6.08 -14.11
N SER A 250 34.95 7.11 -14.93
CA SER A 250 35.39 8.45 -14.58
C SER A 250 34.68 8.94 -13.34
N LEU A 251 33.40 8.62 -13.21
CA LEU A 251 32.67 9.07 -12.04
C LEU A 251 33.04 8.28 -10.82
N ALA A 252 33.39 7.00 -10.99
CA ALA A 252 33.87 6.22 -9.86
C ALA A 252 35.19 6.76 -9.32
N ARG A 253 36.06 7.25 -10.20
CA ARG A 253 37.31 7.86 -9.74
C ARG A 253 37.08 9.01 -8.76
N ILE A 254 35.95 9.72 -8.89
CA ILE A 254 35.73 10.91 -8.07
C ILE A 254 34.73 10.64 -6.95
N GLY A 255 34.36 9.38 -6.74
CA GLY A 255 33.56 8.99 -5.62
C GLY A 255 32.14 8.57 -5.91
N LEU A 256 31.75 8.43 -7.18
CA LEU A 256 30.36 8.22 -7.56
C LEU A 256 30.20 6.88 -8.28
N LEU A 257 29.42 5.98 -7.71
CA LEU A 257 29.22 4.66 -8.28
C LEU A 257 27.84 4.58 -8.89
N ARG A 258 27.77 4.11 -10.14
CA ARG A 258 26.47 3.97 -10.79
C ARG A 258 25.62 2.95 -10.06
N VAL A 259 24.33 3.26 -9.90
CA VAL A 259 23.39 2.32 -9.29
C VAL A 259 22.19 2.00 -10.17
N ARG A 260 21.95 2.74 -11.24
CA ARG A 260 20.87 2.48 -12.19
C ARG A 260 21.27 3.00 -13.57
N PHE A 261 20.89 2.25 -14.60
CA PHE A 261 21.04 2.69 -15.99
C PHE A 261 19.85 2.14 -16.73
N GLU A 262 19.07 3.01 -17.36
CA GLU A 262 17.92 2.58 -18.15
C GLU A 262 17.91 3.37 -19.44
N LYS A 263 17.53 2.71 -20.51
CA LYS A 263 17.36 3.36 -21.80
C LYS A 263 15.88 3.67 -21.97
N LEU A 264 15.58 4.93 -22.24
CA LEU A 264 14.27 5.44 -22.62
C LEU A 264 14.34 5.96 -24.07
N PRO A 265 13.20 6.23 -24.71
CA PRO A 265 13.25 6.75 -26.10
C PRO A 265 14.11 8.00 -26.18
N HIS A 266 15.19 7.89 -26.95
CA HIS A 266 16.11 8.96 -27.33
C HIS A 266 17.03 9.43 -26.22
N ILE A 267 16.97 8.82 -25.03
CA ILE A 267 17.78 9.25 -23.90
C ILE A 267 18.30 8.02 -23.15
N SER A 268 19.38 8.22 -22.42
CA SER A 268 19.88 7.26 -21.46
C SER A 268 19.74 7.87 -20.06
N CYS A 269 19.13 7.11 -19.15
CA CYS A 269 18.81 7.60 -17.81
C CYS A 269 19.69 6.90 -16.80
N VAL A 271 21.70 6.94 -12.72
CA VAL A 271 21.80 7.47 -11.37
C VAL A 271 23.14 7.05 -10.79
N PHE A 272 23.89 8.00 -10.23
CA PHE A 272 25.14 7.72 -9.55
C PHE A 272 25.02 8.10 -8.09
N ARG A 273 25.60 7.28 -7.23
CA ARG A 273 25.45 7.41 -5.79
C ARG A 273 26.77 7.84 -5.18
N LYS A 274 26.70 8.75 -4.22
CA LYS A 274 27.88 9.12 -3.45
C LYS A 274 28.19 7.99 -2.49
N ALA A 275 29.19 7.16 -2.83
CA ALA A 275 29.50 5.96 -2.07
C ALA A 275 29.79 6.30 -0.62
N ILE A 276 29.60 5.31 0.26
CA ILE A 276 29.94 5.48 1.67
C ILE A 276 31.39 5.90 1.85
N SER A 277 32.26 5.60 0.88
CA SER A 277 33.68 5.95 0.98
C SER A 277 34.22 6.29 -0.41
N ARG A 278 34.84 7.47 -0.54
CA ARG A 278 35.39 7.84 -1.85
C ARG A 278 36.54 6.91 -2.21
N GLU A 279 37.40 6.60 -1.24
CA GLU A 279 38.51 5.69 -1.52
C GLU A 279 38.00 4.34 -2.01
N LEU A 280 36.93 3.83 -1.39
CA LEU A 280 36.28 2.62 -1.90
C LEU A 280 35.90 2.76 -3.37
N SER A 281 35.24 3.86 -3.72
CA SER A 281 34.85 4.12 -5.10
C SER A 281 36.06 4.17 -6.03
N GLN A 282 37.12 4.87 -5.62
CA GLN A 282 38.31 5.00 -6.45
C GLN A 282 38.97 3.66 -6.69
N HIS A 283 39.01 2.80 -5.67
CA HIS A 283 39.61 1.50 -5.84
C HIS A 283 38.78 0.62 -6.78
N TRP A 284 37.45 0.67 -6.63
CA TRP A 284 36.57 0.03 -7.61
C TRP A 284 36.94 0.47 -9.03
N ALA A 285 37.11 1.77 -9.24
CA ALA A 285 37.44 2.26 -10.59
C ALA A 285 38.79 1.72 -11.06
N SER A 286 39.79 1.67 -10.17
CA SER A 286 41.10 1.12 -10.51
C SER A 286 40.97 -0.30 -11.05
N ILE A 287 40.07 -1.10 -10.48
CA ILE A 287 39.97 -2.49 -10.87
C ILE A 287 39.30 -2.62 -12.23
N HIS A 288 38.36 -1.72 -12.53
CA HIS A 288 37.57 -1.82 -13.76
C HIS A 288 38.01 -0.82 -14.83
N ARG A 289 39.27 -0.39 -14.79
CA ARG A 289 39.78 0.52 -15.81
C ARG A 289 40.19 -0.29 -17.03
N GLU A 290 39.56 -0.02 -18.17
CA GLU A 290 39.99 -0.61 -19.43
C GLU A 290 40.95 0.34 -20.15
N GLU A 291 41.86 -0.23 -20.92
CA GLU A 291 42.91 0.56 -21.55
C GLU A 291 42.32 1.40 -22.68
N GLY A 292 42.62 2.69 -22.65
CA GLY A 292 42.14 3.63 -23.65
C GLY A 292 41.18 4.68 -23.13
N CYS A 294 39.66 7.78 -20.74
CA CYS A 294 40.15 9.00 -20.11
C CYS A 294 39.61 9.14 -18.69
N GLU A 295 40.24 10.04 -17.93
CA GLU A 295 39.78 10.37 -16.58
C GLU A 295 38.56 11.28 -16.59
N GLU A 296 38.27 11.95 -17.71
CA GLU A 296 37.14 12.85 -17.82
C GLU A 296 35.94 12.13 -18.45
N ILE A 297 34.84 12.85 -18.63
CA ILE A 297 33.63 12.27 -19.23
C ILE A 297 33.38 12.98 -20.55
N ARG A 298 33.35 12.21 -21.65
CA ARG A 298 33.43 12.75 -22.99
C ARG A 298 32.12 12.65 -23.76
N ILE A 299 31.96 13.58 -24.70
CA ILE A 299 30.88 13.59 -25.67
C ILE A 299 31.54 13.77 -27.03
N PRO A 300 31.43 12.80 -27.95
CA PRO A 300 32.21 12.75 -29.20
C PRO A 300 32.21 14.05 -30.03
N SER B 74 -27.06 -13.85 20.22
CA SER B 74 -26.95 -12.40 20.22
C SER B 74 -25.78 -11.95 19.37
N ARG B 75 -24.56 -12.37 19.74
CA ARG B 75 -23.45 -12.25 18.80
C ARG B 75 -23.82 -12.93 17.49
N ILE B 76 -24.60 -14.00 17.59
CA ILE B 76 -25.08 -14.70 16.40
C ILE B 76 -25.98 -13.78 15.60
N LYS B 77 -27.01 -13.23 16.25
CA LYS B 77 -27.89 -12.30 15.56
C LYS B 77 -27.17 -11.02 15.15
N TRP B 78 -26.20 -10.57 15.95
CA TRP B 78 -25.42 -9.41 15.53
C TRP B 78 -24.68 -9.72 14.22
N ALA B 79 -24.05 -10.91 14.11
CA ALA B 79 -23.27 -11.20 12.92
C ALA B 79 -24.15 -11.44 11.71
N ILE B 80 -25.28 -12.13 11.89
CA ILE B 80 -26.20 -12.33 10.77
C ILE B 80 -26.70 -10.99 10.24
N ASP B 81 -27.04 -10.07 11.16
CA ASP B 81 -27.49 -8.74 10.74
C ASP B 81 -26.39 -8.00 9.99
N TYR B 82 -25.14 -8.08 10.47
CA TYR B 82 -24.05 -7.37 9.81
C TYR B 82 -23.81 -7.94 8.42
N ILE B 83 -23.73 -9.26 8.31
CA ILE B 83 -23.46 -9.92 7.04
C ILE B 83 -24.47 -9.51 5.98
N THR B 84 -25.76 -9.50 6.36
CA THR B 84 -26.83 -9.12 5.43
C THR B 84 -26.71 -7.66 5.02
N LYS B 85 -26.44 -6.78 5.98
CA LYS B 85 -26.18 -5.37 5.65
C LYS B 85 -24.99 -5.21 4.72
N TYR B 86 -23.89 -5.93 4.97
CA TYR B 86 -22.66 -5.70 4.21
C TYR B 86 -22.82 -6.12 2.74
N PHE B 87 -23.56 -7.21 2.47
CA PHE B 87 -23.71 -7.73 1.12
C PHE B 87 -25.05 -7.43 0.46
N PHE B 88 -26.14 -7.29 1.21
CA PHE B 88 -27.47 -7.19 0.64
C PHE B 88 -28.17 -5.87 0.98
N THR B 89 -28.52 -5.63 2.24
CA THR B 89 -29.50 -4.58 2.51
C THR B 89 -28.89 -3.16 2.53
N GLU B 90 -27.60 -3.02 2.79
CA GLU B 90 -26.98 -1.70 2.81
C GLU B 90 -25.78 -1.59 1.88
N GLY B 91 -25.34 -2.69 1.28
CA GLY B 91 -24.25 -2.62 0.32
C GLY B 91 -23.00 -1.99 0.91
N ILE B 92 -22.64 -2.35 2.15
CA ILE B 92 -21.45 -1.78 2.75
C ILE B 92 -20.21 -2.17 1.96
N TYR B 93 -20.24 -3.33 1.26
CA TYR B 93 -19.08 -3.69 0.46
C TYR B 93 -18.77 -2.62 -0.58
N LEU B 94 -19.80 -1.90 -1.05
CA LEU B 94 -19.60 -0.84 -2.03
C LEU B 94 -19.20 0.46 -1.36
N GLN B 95 -19.78 0.79 -0.21
CA GLN B 95 -19.30 1.96 0.52
C GLN B 95 -17.82 1.86 0.87
N LYS B 96 -17.38 0.69 1.36
CA LYS B 96 -15.97 0.56 1.75
C LYS B 96 -15.06 0.51 0.53
N ARG B 97 -15.53 -0.05 -0.59
CA ARG B 97 -14.74 0.00 -1.81
C ARG B 97 -14.38 1.45 -2.14
N GLN B 98 -15.40 2.33 -2.19
CA GLN B 98 -15.17 3.74 -2.52
C GLN B 98 -14.15 4.35 -1.56
N ARG B 99 -14.33 4.12 -0.26
CA ARG B 99 -13.38 4.65 0.72
C ARG B 99 -11.96 4.20 0.41
N GLU B 100 -11.78 2.89 0.22
CA GLU B 100 -10.45 2.35 -0.09
C GLU B 100 -9.91 2.90 -1.41
N GLN B 101 -10.77 3.06 -2.41
CA GLN B 101 -10.36 3.71 -3.65
C GLN B 101 -9.89 5.14 -3.37
N ARG B 102 -10.67 5.92 -2.61
CA ARG B 102 -10.19 7.26 -2.26
C ARG B 102 -8.89 7.20 -1.47
N LEU B 103 -8.75 6.19 -0.60
CA LEU B 103 -7.54 6.05 0.20
C LEU B 103 -6.34 5.76 -0.68
N LEU B 104 -6.51 4.93 -1.72
CA LEU B 104 -5.42 4.66 -2.64
C LEU B 104 -4.99 5.89 -3.42
N GLU B 105 -5.94 6.73 -3.85
CA GLU B 105 -5.55 7.93 -4.61
C GLU B 105 -4.75 8.88 -3.74
N SER B 106 -5.16 9.08 -2.48
CA SER B 106 -4.37 9.90 -1.57
C SER B 106 -2.97 9.35 -1.42
N TYR B 107 -2.85 8.03 -1.28
CA TYR B 107 -1.53 7.41 -1.14
C TYR B 107 -0.71 7.58 -2.41
N ARG B 108 -1.33 7.39 -3.58
CA ARG B 108 -0.58 7.61 -4.82
C ARG B 108 -0.22 9.07 -5.00
N ALA B 109 -1.10 9.97 -4.55
CA ALA B 109 -0.81 11.40 -4.65
C ALA B 109 0.41 11.77 -3.84
N GLU B 110 0.68 11.06 -2.75
CA GLU B 110 1.81 11.41 -1.92
C GLU B 110 3.07 10.67 -2.32
N GLY B 111 3.04 9.89 -3.41
CA GLY B 111 4.18 9.14 -3.87
C GLY B 111 4.50 7.89 -3.07
N LYS B 112 3.86 7.69 -1.92
CA LYS B 112 4.16 6.56 -1.05
C LYS B 112 3.75 5.21 -1.65
N LEU B 113 2.95 5.22 -2.71
CA LEU B 113 2.49 4.00 -3.36
C LEU B 113 2.39 4.26 -4.86
N GLY B 114 2.61 3.22 -5.65
CA GLY B 114 2.50 3.35 -7.08
C GLY B 114 1.37 2.53 -7.66
N GLU B 115 1.66 1.81 -8.74
CA GLU B 115 0.74 0.79 -9.24
C GLU B 115 0.57 -0.31 -8.19
N VAL B 116 -0.68 -0.69 -7.94
CA VAL B 116 -0.98 -1.82 -7.08
C VAL B 116 -2.04 -2.66 -7.78
N GLN B 117 -2.08 -3.94 -7.43
CA GLN B 117 -3.10 -4.85 -7.95
C GLN B 117 -4.36 -4.74 -7.08
N CYS B 118 -5.49 -4.43 -7.70
CA CYS B 118 -6.78 -4.41 -7.04
C CYS B 118 -7.65 -5.55 -7.56
N ARG B 119 -8.33 -6.21 -6.63
CA ARG B 119 -9.26 -7.29 -6.95
C ARG B 119 -10.58 -6.93 -6.29
N LEU B 120 -11.63 -6.84 -7.11
CA LEU B 120 -12.94 -6.44 -6.67
C LEU B 120 -13.88 -7.65 -6.66
N GLU B 122 -17.49 -9.44 -7.28
CA GLU B 122 -18.71 -9.33 -8.06
C GLU B 122 -19.90 -9.02 -7.15
N GLU B 123 -21.00 -8.66 -7.78
CA GLU B 123 -22.29 -8.62 -7.10
C GLU B 123 -22.49 -9.93 -6.33
N PRO B 124 -22.76 -9.88 -5.03
CA PRO B 124 -22.81 -11.11 -4.24
C PRO B 124 -23.85 -12.06 -4.79
N PRO B 125 -23.62 -13.37 -4.65
CA PRO B 125 -24.64 -14.34 -5.01
C PRO B 125 -25.77 -14.30 -4.00
N ASP B 126 -26.93 -14.80 -4.42
CA ASP B 126 -28.06 -14.84 -3.50
C ASP B 126 -27.75 -15.66 -2.26
N ARG B 127 -26.86 -16.64 -2.36
CA ARG B 127 -26.53 -17.52 -1.25
C ARG B 127 -25.05 -17.36 -0.92
N LEU B 128 -24.75 -16.81 0.26
CA LEU B 128 -23.38 -16.50 0.66
C LEU B 128 -22.65 -17.75 1.13
N HIS B 129 -21.39 -17.88 0.75
CA HIS B 129 -20.55 -18.96 1.24
C HIS B 129 -19.87 -18.52 2.54
N VAL B 130 -20.23 -19.19 3.64
CA VAL B 130 -19.77 -18.82 4.96
C VAL B 130 -19.03 -20.00 5.56
N LEU B 131 -17.86 -19.74 6.09
CA LEU B 131 -17.07 -20.72 6.81
C LEU B 131 -17.10 -20.29 8.27
N ASP B 132 -17.69 -21.13 9.11
CA ASP B 132 -17.84 -20.88 10.54
C ASP B 132 -16.80 -21.78 11.23
N VAL B 133 -15.81 -21.17 11.88
CA VAL B 133 -14.62 -21.88 12.36
C VAL B 133 -14.60 -21.85 13.88
N GLY B 134 -14.47 -23.03 14.50
CA GLY B 134 -14.79 -23.14 15.92
C GLY B 134 -16.30 -23.05 16.09
N SER B 135 -17.04 -23.69 15.19
CA SER B 135 -18.47 -23.50 15.11
C SER B 135 -19.22 -24.11 16.30
N CYS B 136 -18.70 -25.21 16.85
CA CYS B 136 -19.30 -25.96 17.95
C CYS B 136 -20.63 -26.61 17.55
N PHE B 137 -21.67 -25.82 17.23
CA PHE B 137 -22.98 -26.38 16.96
C PHE B 137 -23.66 -25.79 15.73
N ASN B 138 -22.95 -25.09 14.87
CA ASN B 138 -23.47 -24.57 13.61
C ASN B 138 -24.67 -23.63 13.76
N PRO B 139 -24.59 -22.58 14.60
CA PRO B 139 -25.76 -21.70 14.78
C PRO B 139 -26.16 -20.95 13.52
N PHE B 140 -25.25 -20.72 12.58
CA PHE B 140 -25.55 -19.88 11.44
C PHE B 140 -26.28 -20.62 10.32
N SER B 141 -26.42 -21.95 10.39
CA SER B 141 -26.80 -22.69 9.19
C SER B 141 -28.21 -22.38 8.73
N SER B 142 -29.12 -22.04 9.64
CA SER B 142 -30.50 -21.73 9.27
C SER B 142 -30.71 -20.27 8.85
N ALA B 143 -29.68 -19.43 8.89
CA ALA B 143 -29.85 -18.03 8.53
C ALA B 143 -30.10 -17.90 7.03
N PRO B 144 -31.01 -17.02 6.62
CA PRO B 144 -31.32 -16.90 5.19
C PRO B 144 -30.12 -16.44 4.36
N HIS B 145 -30.02 -17.01 3.16
CA HIS B 145 -28.93 -16.81 2.21
C HIS B 145 -27.55 -17.15 2.75
N LEU B 146 -27.42 -17.91 3.84
CA LEU B 146 -26.10 -18.32 4.30
C LEU B 146 -25.94 -19.81 4.02
N GLU B 147 -25.02 -20.13 3.12
CA GLU B 147 -24.59 -21.51 2.89
C GLU B 147 -23.33 -21.71 3.73
N VAL B 148 -23.49 -22.39 4.87
CA VAL B 148 -22.51 -22.38 5.94
C VAL B 148 -21.75 -23.70 5.94
N THR B 149 -20.44 -23.61 5.93
CA THR B 149 -19.57 -24.74 6.18
C THR B 149 -19.00 -24.56 7.58
N ALA B 150 -19.17 -25.58 8.42
CA ALA B 150 -18.89 -25.48 9.84
C ALA B 150 -17.80 -26.47 10.21
N LEU B 151 -16.80 -25.99 10.93
CA LEU B 151 -15.62 -26.75 11.33
C LEU B 151 -15.41 -26.59 12.82
N ASP B 152 -14.92 -27.64 13.49
CA ASP B 152 -14.61 -27.50 14.90
C ASP B 152 -13.71 -28.64 15.35
N LEU B 153 -12.80 -28.32 16.29
CA LEU B 153 -11.90 -29.33 16.82
C LEU B 153 -12.68 -30.45 17.48
N CYS B 154 -13.79 -30.11 18.15
CA CYS B 154 -14.60 -31.08 18.89
C CYS B 154 -16.07 -30.81 18.64
N PRO B 155 -16.58 -31.15 17.45
CA PRO B 155 -17.96 -30.82 17.12
C PRO B 155 -18.93 -31.40 18.15
N ALA B 156 -19.92 -30.58 18.52
CA ALA B 156 -20.99 -31.03 19.40
C ALA B 156 -22.22 -31.53 18.66
N THR B 157 -22.40 -31.13 17.40
CA THR B 157 -23.51 -31.62 16.59
C THR B 157 -22.96 -32.25 15.32
N GLU B 158 -23.79 -33.12 14.73
CA GLU B 158 -23.39 -33.91 13.58
C GLU B 158 -23.21 -33.07 12.32
N ASP B 159 -23.86 -31.92 12.20
CA ASP B 159 -23.69 -31.11 11.00
C ASP B 159 -22.39 -30.31 10.98
N VAL B 160 -21.52 -30.46 11.98
CA VAL B 160 -20.27 -29.72 12.05
C VAL B 160 -19.12 -30.66 11.71
N LEU B 161 -18.25 -30.23 10.79
CA LEU B 161 -17.10 -31.06 10.41
C LEU B 161 -16.00 -30.98 11.46
N GLN B 162 -15.36 -32.11 11.72
CA GLN B 162 -14.22 -32.11 12.61
C GLN B 162 -13.00 -31.58 11.86
N ALA B 163 -12.22 -30.73 12.51
CA ALA B 163 -11.02 -30.19 11.91
C ALA B 163 -10.26 -29.40 12.96
N ASP B 164 -8.95 -29.47 12.91
CA ASP B 164 -8.07 -28.56 13.64
C ASP B 164 -7.68 -27.50 12.63
N PHE B 165 -8.23 -26.30 12.78
CA PHE B 165 -8.01 -25.25 11.78
C PHE B 165 -6.53 -24.96 11.56
N LEU B 166 -5.67 -25.18 12.56
CA LEU B 166 -4.26 -24.89 12.35
C LEU B 166 -3.59 -25.84 11.38
N LYS B 167 -4.25 -26.94 11.04
CA LYS B 167 -3.69 -27.96 10.16
C LYS B 167 -4.36 -27.98 8.80
N VAL B 168 -5.17 -27.00 8.50
CA VAL B 168 -5.90 -26.96 7.24
C VAL B 168 -5.08 -26.25 6.18
N GLU B 169 -4.94 -26.92 5.03
CA GLU B 169 -4.37 -26.32 3.83
C GLU B 169 -5.46 -25.59 3.06
N VAL B 170 -5.12 -24.41 2.56
CA VAL B 170 -6.02 -23.63 1.72
C VAL B 170 -5.60 -23.87 0.27
N VAL B 171 -6.47 -24.46 -0.53
CA VAL B 171 -6.08 -24.99 -1.82
C VAL B 171 -6.86 -24.29 -2.93
N PRO B 172 -6.20 -23.64 -3.87
CA PRO B 172 -6.95 -23.04 -4.98
C PRO B 172 -7.38 -24.12 -5.97
N GLY B 173 -8.56 -23.94 -6.53
CA GLY B 173 -9.03 -24.81 -7.59
C GLY B 173 -9.91 -25.96 -7.18
N ILE B 174 -10.16 -26.16 -5.89
CA ILE B 174 -11.13 -27.12 -5.45
C ILE B 174 -12.38 -26.37 -5.02
N ARG B 175 -13.48 -27.09 -4.85
CA ARG B 175 -14.77 -26.48 -4.59
C ARG B 175 -15.30 -26.72 -3.18
N GLU B 176 -14.80 -27.72 -2.47
CA GLU B 176 -15.41 -28.18 -1.24
C GLU B 176 -14.34 -28.69 -0.30
N PRO B 177 -14.63 -28.82 0.99
CA PRO B 177 -13.66 -29.39 1.91
C PRO B 177 -13.26 -30.80 1.49
N GLU B 178 -11.97 -31.08 1.54
CA GLU B 178 -11.47 -32.43 1.34
C GLU B 178 -11.05 -33.01 2.69
N LEU B 179 -11.52 -34.21 2.99
CA LEU B 179 -11.34 -34.83 4.30
C LEU B 179 -10.42 -36.03 4.19
N GLU B 180 -9.68 -36.28 5.28
CA GLU B 180 -8.94 -37.51 5.44
C GLU B 180 -9.17 -37.99 6.86
N GLU B 181 -9.50 -39.27 7.00
CA GLU B 181 -9.73 -39.90 8.30
C GLU B 181 -10.78 -39.17 9.11
N GLY B 182 -11.73 -38.52 8.44
CA GLY B 182 -12.79 -37.80 9.13
C GLY B 182 -12.49 -36.37 9.47
N SER B 183 -11.29 -35.89 9.18
CA SER B 183 -10.84 -34.56 9.58
C SER B 183 -10.64 -33.72 8.32
N VAL B 184 -11.12 -32.47 8.35
CA VAL B 184 -10.92 -31.61 7.20
C VAL B 184 -9.44 -31.26 7.10
N ARG B 185 -8.84 -31.57 5.96
CA ARG B 185 -7.46 -31.21 5.71
C ARG B 185 -7.30 -30.04 4.75
N ARG B 186 -8.23 -29.85 3.82
CA ARG B 186 -8.10 -28.84 2.78
C ARG B 186 -9.42 -28.11 2.58
N LEU B 187 -9.34 -26.80 2.34
CA LEU B 187 -10.48 -25.96 2.02
C LEU B 187 -10.17 -25.12 0.79
N PRO B 188 -11.19 -24.74 0.00
CA PRO B 188 -10.89 -24.01 -1.23
C PRO B 188 -10.48 -22.57 -0.96
N ALA B 189 -9.52 -22.10 -1.74
CA ALA B 189 -9.00 -20.76 -1.61
C ALA B 189 -9.95 -19.78 -2.29
N SER B 190 -9.95 -18.54 -1.79
CA SER B 190 -10.70 -17.44 -2.41
C SER B 190 -12.13 -17.87 -2.76
N HIS B 191 -12.83 -18.38 -1.75
CA HIS B 191 -14.10 -19.07 -1.99
C HIS B 191 -15.23 -18.54 -1.10
N TYR B 192 -14.90 -18.06 0.09
CA TYR B 192 -15.90 -17.65 1.07
C TYR B 192 -16.12 -16.14 1.01
N GLU B 193 -17.38 -15.71 0.92
CA GLU B 193 -17.69 -14.32 1.17
C GLU B 193 -17.45 -13.95 2.62
N CYS B 194 -17.55 -14.89 3.54
CA CYS B 194 -17.47 -14.58 4.95
C CYS B 194 -16.82 -15.75 5.70
N VAL B 195 -15.94 -15.42 6.65
CA VAL B 195 -15.35 -16.37 7.58
C VAL B 195 -15.59 -15.85 8.99
N ILE B 196 -16.06 -16.72 9.87
CA ILE B 196 -16.51 -16.33 11.22
C ILE B 196 -15.63 -17.00 12.24
N PHE B 197 -14.95 -16.20 13.05
CA PHE B 197 -14.15 -16.62 14.19
C PHE B 197 -14.87 -16.12 15.44
N SER B 198 -15.85 -16.87 15.91
CA SER B 198 -16.69 -16.45 17.05
C SER B 198 -16.21 -17.14 18.32
N LEU B 199 -15.47 -16.39 19.15
CA LEU B 199 -14.92 -16.87 20.42
C LEU B 199 -13.95 -18.04 20.17
N LEU B 200 -13.16 -17.90 19.12
CA LEU B 200 -12.22 -18.94 18.69
C LEU B 200 -10.77 -18.64 19.05
N LEU B 201 -10.30 -17.41 18.74
CA LEU B 201 -8.87 -17.10 18.80
C LEU B 201 -8.30 -17.28 20.20
N GLU B 202 -9.12 -17.08 21.24
CA GLU B 202 -8.69 -17.28 22.62
C GLU B 202 -8.26 -18.70 22.90
N TYR B 203 -8.68 -19.66 22.07
CA TYR B 203 -8.28 -21.05 22.26
C TYR B 203 -6.92 -21.36 21.65
N PRO B 205 -2.97 -21.49 21.07
CA PRO B 205 -1.91 -21.57 22.08
C PRO B 205 -0.95 -20.38 22.09
N SER B 206 -0.84 -19.65 20.98
CA SER B 206 0.15 -18.59 20.90
C SER B 206 -0.41 -17.42 20.09
N ALA B 207 0.21 -16.26 20.30
CA ALA B 207 -0.09 -15.09 19.50
C ALA B 207 0.14 -15.36 18.02
N GLU B 208 1.29 -15.99 17.71
CA GLU B 208 1.62 -16.32 16.33
C GLU B 208 0.56 -17.22 15.72
N GLN B 209 0.04 -18.18 16.48
CA GLN B 209 -0.98 -19.05 15.93
C GLN B 209 -2.31 -18.33 15.75
N ARG B 210 -2.63 -17.37 16.63
CA ARG B 210 -3.79 -16.53 16.38
C ARG B 210 -3.67 -15.79 15.07
N LEU B 211 -2.49 -15.25 14.79
CA LEU B 211 -2.27 -14.61 13.49
C LEU B 211 -2.37 -15.62 12.36
N GLN B 212 -1.78 -16.81 12.53
CA GLN B 212 -1.89 -17.83 11.49
C GLN B 212 -3.35 -18.06 11.07
N CYS B 213 -4.28 -18.13 12.04
CA CYS B 213 -5.68 -18.35 11.70
C CYS B 213 -6.22 -17.24 10.78
N CYS B 214 -5.84 -15.99 11.07
CA CYS B 214 -6.33 -14.87 10.28
C CYS B 214 -5.72 -14.85 8.89
N LEU B 215 -4.43 -15.22 8.78
CA LEU B 215 -3.82 -15.39 7.46
C LEU B 215 -4.52 -16.46 6.65
N GLN B 216 -4.92 -17.56 7.29
CA GLN B 216 -5.69 -18.57 6.58
C GLN B 216 -7.06 -18.04 6.21
N ALA B 217 -7.69 -17.26 7.11
CA ALA B 217 -8.91 -16.54 6.76
C ALA B 217 -8.72 -15.72 5.48
N TYR B 218 -7.63 -14.96 5.41
CA TYR B 218 -7.44 -14.08 4.26
C TYR B 218 -7.39 -14.86 2.95
N ASP B 219 -6.75 -16.02 2.94
CA ASP B 219 -6.67 -16.78 1.70
C ASP B 219 -7.99 -17.48 1.39
N LEU B 220 -8.77 -17.80 2.43
CA LEU B 220 -10.09 -18.36 2.21
C LEU B 220 -11.08 -17.31 1.70
N LEU B 221 -10.87 -16.04 2.04
CA LEU B 221 -11.85 -15.00 1.68
C LEU B 221 -11.77 -14.67 0.20
N LEU B 222 -12.92 -14.35 -0.37
CA LEU B 222 -12.96 -13.73 -1.68
C LEU B 222 -12.51 -12.27 -1.56
N PRO B 223 -12.07 -11.65 -2.67
CA PRO B 223 -11.87 -10.19 -2.68
C PRO B 223 -13.06 -9.49 -2.03
N GLU B 224 -12.78 -8.57 -1.10
CA GLU B 224 -13.76 -7.76 -0.36
C GLU B 224 -14.66 -8.60 0.57
N GLY B 225 -14.30 -9.84 0.85
CA GLY B 225 -15.02 -10.62 1.85
C GLY B 225 -14.65 -10.16 3.25
N ILE B 226 -15.34 -10.70 4.26
CA ILE B 226 -15.21 -10.17 5.61
C ILE B 226 -14.88 -11.29 6.58
N LEU B 227 -13.97 -11.01 7.50
CA LEU B 227 -13.75 -11.83 8.68
C LEU B 227 -14.54 -11.24 9.83
N VAL B 228 -15.45 -12.01 10.42
CA VAL B 228 -16.17 -11.60 11.62
C VAL B 228 -15.40 -12.16 12.82
N LEU B 229 -15.02 -11.29 13.74
CA LEU B 229 -14.17 -11.68 14.86
C LEU B 229 -14.86 -11.25 16.15
N ILE B 230 -15.22 -12.21 17.00
CA ILE B 230 -15.85 -11.94 18.29
C ILE B 230 -14.93 -12.50 19.39
N THR B 231 -14.48 -11.63 20.30
CA THR B 231 -13.66 -12.00 21.44
C THR B 231 -14.35 -11.57 22.72
N PRO B 232 -13.98 -12.13 23.87
CA PRO B 232 -14.56 -11.72 25.15
C PRO B 232 -13.86 -10.51 25.77
N ASP B 233 -14.54 -9.94 26.76
CA ASP B 233 -14.21 -8.66 27.41
C ASP B 233 -14.50 -7.50 26.46
N ALA B 241 -8.31 -1.52 25.00
CA ALA B 241 -8.32 -0.61 23.86
C ALA B 241 -6.93 -0.53 23.22
N HIS B 242 -5.89 -0.54 24.06
CA HIS B 242 -4.54 -0.61 23.52
C HIS B 242 -4.34 -1.91 22.75
N LEU B 243 -5.01 -2.98 23.18
CA LEU B 243 -4.88 -4.27 22.52
C LEU B 243 -5.62 -4.30 21.19
N LYS B 245 -6.28 -1.76 19.13
CA LYS B 245 -5.49 -1.01 18.16
C LYS B 245 -4.34 -1.84 17.61
N ASN B 246 -3.69 -2.65 18.45
CA ASN B 246 -2.65 -3.56 17.96
C ASN B 246 -3.23 -4.62 17.02
N TRP B 247 -4.38 -5.21 17.37
CA TRP B 247 -5.05 -6.14 16.46
C TRP B 247 -5.37 -5.47 15.14
N ARG B 248 -5.93 -4.27 15.19
CA ARG B 248 -6.23 -3.54 13.98
C ARG B 248 -4.97 -3.31 13.16
N TYR B 249 -3.85 -3.07 13.81
CA TYR B 249 -2.59 -2.89 13.08
C TYR B 249 -2.11 -4.20 12.50
N SER B 250 -2.12 -5.27 13.29
CA SER B 250 -1.54 -6.53 12.86
C SER B 250 -2.35 -7.13 11.73
N LEU B 251 -3.66 -6.88 11.72
CA LEU B 251 -4.50 -7.45 10.69
C LEU B 251 -4.43 -6.63 9.42
N ALA B 252 -4.33 -5.30 9.52
CA ALA B 252 -4.13 -4.49 8.32
C ALA B 252 -2.78 -4.79 7.67
N ARG B 253 -1.81 -5.22 8.47
CA ARG B 253 -0.51 -5.64 7.97
C ARG B 253 -0.63 -6.78 6.96
N ILE B 254 -1.62 -7.64 7.10
CA ILE B 254 -1.75 -8.81 6.26
C ILE B 254 -2.92 -8.68 5.31
N GLY B 255 -3.46 -7.49 5.14
CA GLY B 255 -4.49 -7.25 4.14
C GLY B 255 -5.90 -7.07 4.65
N LEU B 256 -6.12 -7.06 5.98
CA LEU B 256 -7.49 -7.00 6.53
C LEU B 256 -7.72 -5.67 7.24
N LEU B 257 -8.69 -4.90 6.76
CA LEU B 257 -8.98 -3.58 7.30
C LEU B 257 -10.25 -3.66 8.13
N ARG B 258 -10.23 -3.07 9.32
CA ARG B 258 -11.41 -3.08 10.17
C ARG B 258 -12.49 -2.18 9.58
N VAL B 259 -13.72 -2.68 9.56
CA VAL B 259 -14.87 -1.92 9.08
C VAL B 259 -15.97 -1.79 10.13
N ARG B 260 -15.89 -2.50 11.26
CA ARG B 260 -16.95 -2.38 12.25
C ARG B 260 -16.42 -2.85 13.59
N PHE B 261 -16.75 -2.12 14.63
CA PHE B 261 -16.42 -2.52 15.99
C PHE B 261 -17.61 -2.18 16.87
N GLU B 262 -18.21 -3.17 17.52
CA GLU B 262 -19.29 -2.92 18.46
C GLU B 262 -19.07 -3.70 19.74
N LYS B 263 -19.45 -3.07 20.84
CA LYS B 263 -19.42 -3.67 22.15
C LYS B 263 -20.79 -4.25 22.45
N LEU B 264 -20.87 -5.57 22.58
CA LEU B 264 -22.02 -6.28 23.12
C LEU B 264 -21.73 -6.67 24.55
N PRO B 265 -22.74 -7.11 25.31
CA PRO B 265 -22.47 -7.54 26.70
C PRO B 265 -21.44 -8.66 26.73
N HIS B 266 -20.31 -8.37 27.38
CA HIS B 266 -19.21 -9.28 27.66
C HIS B 266 -18.36 -9.65 26.45
N ILE B 267 -18.60 -9.05 25.29
CA ILE B 267 -17.83 -9.38 24.09
C ILE B 267 -17.60 -8.11 23.27
N SER B 268 -16.59 -8.17 22.43
CA SER B 268 -16.36 -7.18 21.39
C SER B 268 -16.61 -7.85 20.05
N CYS B 269 -17.40 -7.19 19.20
CA CYS B 269 -17.72 -7.72 17.89
C CYS B 269 -17.03 -6.88 16.83
N VAL B 271 -15.43 -6.71 12.53
CA VAL B 271 -15.46 -7.19 11.16
C VAL B 271 -14.26 -6.58 10.45
N PHE B 272 -13.45 -7.42 9.84
CA PHE B 272 -12.32 -6.99 9.02
C PHE B 272 -12.62 -7.39 7.58
N ARG B 273 -12.31 -6.49 6.67
CA ARG B 273 -12.60 -6.70 5.27
C ARG B 273 -11.31 -6.97 4.50
N LYS B 274 -11.35 -7.96 3.62
CA LYS B 274 -10.26 -8.19 2.67
C LYS B 274 -10.23 -7.01 1.70
N ALA B 275 -9.35 -6.05 1.95
CA ALA B 275 -9.32 -4.83 1.17
C ALA B 275 -9.08 -5.13 -0.32
N ILE B 276 -9.50 -4.18 -1.17
CA ILE B 276 -9.25 -4.30 -2.61
C ILE B 276 -7.79 -4.55 -2.96
N SER B 277 -6.85 -4.24 -2.05
CA SER B 277 -5.43 -4.37 -2.36
C SER B 277 -4.66 -4.63 -1.08
N ARG B 278 -3.94 -5.75 -1.00
CA ARG B 278 -3.19 -6.01 0.22
C ARG B 278 -2.17 -4.90 0.46
N GLU B 279 -1.51 -4.44 -0.60
CA GLU B 279 -0.51 -3.40 -0.47
C GLU B 279 -1.11 -2.10 0.07
N LEU B 280 -2.35 -1.79 -0.30
CA LEU B 280 -3.04 -0.63 0.29
C LEU B 280 -3.17 -0.78 1.80
N SER B 281 -3.59 -1.98 2.24
CA SER B 281 -3.77 -2.27 3.66
C SER B 281 -2.45 -2.22 4.41
N GLN B 282 -1.38 -2.77 3.82
CA GLN B 282 -0.08 -2.75 4.48
C GLN B 282 0.39 -1.33 4.70
N HIS B 283 0.22 -0.45 3.70
CA HIS B 283 0.61 0.93 3.85
C HIS B 283 -0.21 1.63 4.93
N TRP B 284 -1.52 1.43 4.93
CA TRP B 284 -2.35 1.93 6.02
C TRP B 284 -1.74 1.55 7.37
N ALA B 285 -1.43 0.26 7.55
CA ALA B 285 -0.88 -0.23 8.81
C ALA B 285 0.39 0.52 9.20
N SER B 286 1.34 0.69 8.27
CA SER B 286 2.62 1.26 8.66
C SER B 286 2.51 2.73 9.02
N ILE B 287 1.53 3.44 8.44
CA ILE B 287 1.26 4.81 8.86
C ILE B 287 0.80 4.84 10.30
N HIS B 288 0.09 3.80 10.74
CA HIS B 288 -0.58 3.77 12.02
C HIS B 288 0.12 2.88 13.06
N ARG B 289 1.38 2.57 12.86
CA ARG B 289 2.10 1.75 13.83
C ARG B 289 2.54 2.62 15.00
N GLU B 290 2.23 2.19 16.21
CA GLU B 290 2.75 2.82 17.42
C GLU B 290 3.88 1.98 17.98
N GLU B 291 4.88 2.65 18.57
CA GLU B 291 6.05 1.94 19.08
C GLU B 291 5.63 0.91 20.12
N GLY B 292 6.28 -0.25 20.09
CA GLY B 292 5.96 -1.33 20.98
C GLY B 292 5.05 -2.38 20.38
N CYS B 294 3.35 -5.28 18.18
CA CYS B 294 3.85 -6.51 17.60
C CYS B 294 3.02 -6.88 16.37
N GLU B 295 3.57 -7.79 15.57
CA GLU B 295 2.88 -8.27 14.37
C GLU B 295 1.81 -9.29 14.68
N GLU B 296 1.83 -9.90 15.86
CA GLU B 296 0.93 -11.01 16.15
C GLU B 296 -0.29 -10.50 16.90
N ILE B 297 -1.16 -11.44 17.28
CA ILE B 297 -2.46 -11.15 17.87
C ILE B 297 -2.42 -11.68 19.30
N ARG B 298 -2.10 -10.82 20.28
CA ARG B 298 -1.99 -11.26 21.65
C ARG B 298 -3.34 -11.21 22.35
N ILE B 299 -3.45 -11.99 23.42
CA ILE B 299 -4.57 -11.92 24.36
C ILE B 299 -3.96 -11.71 25.73
N PRO B 300 -4.66 -11.03 26.66
CA PRO B 300 -4.26 -10.80 28.05
C PRO B 300 -3.46 -11.92 28.73
N ARG C 73 20.12 -12.72 15.32
CA ARG C 73 20.02 -14.03 15.92
C ARG C 73 20.22 -15.14 14.86
N SER C 74 19.40 -16.18 14.93
CA SER C 74 19.72 -17.43 14.27
C SER C 74 19.54 -17.33 12.76
N ARG C 75 20.10 -18.33 12.07
CA ARG C 75 19.75 -18.55 10.68
C ARG C 75 18.23 -18.66 10.50
N ILE C 76 17.51 -19.17 11.50
CA ILE C 76 16.06 -19.38 11.32
C ILE C 76 15.33 -18.05 11.30
N LYS C 77 15.65 -17.16 12.25
CA LYS C 77 15.02 -15.85 12.25
C LYS C 77 15.36 -15.09 10.98
N TRP C 78 16.60 -15.27 10.52
CA TRP C 78 17.05 -14.54 9.34
C TRP C 78 16.22 -14.91 8.12
N ALA C 79 16.04 -16.21 7.89
CA ALA C 79 15.28 -16.69 6.73
C ALA C 79 13.82 -16.29 6.83
N ILE C 80 13.21 -16.44 8.00
CA ILE C 80 11.82 -16.04 8.23
C ILE C 80 11.65 -14.55 7.89
N ASP C 81 12.60 -13.73 8.37
CA ASP C 81 12.57 -12.30 8.08
C ASP C 81 12.68 -12.03 6.59
N TYR C 82 13.63 -12.67 5.92
CA TYR C 82 13.78 -12.35 4.50
C TYR C 82 12.56 -12.81 3.69
N ILE C 83 12.02 -14.00 4.00
CA ILE C 83 10.88 -14.51 3.23
C ILE C 83 9.71 -13.54 3.31
N THR C 84 9.43 -13.03 4.51
CA THR C 84 8.36 -12.06 4.66
C THR C 84 8.64 -10.79 3.85
N LYS C 85 9.89 -10.32 3.85
CA LYS C 85 10.22 -9.12 3.09
C LYS C 85 10.16 -9.39 1.61
N TYR C 86 10.51 -10.61 1.20
CA TYR C 86 10.58 -10.93 -0.21
C TYR C 86 9.19 -10.92 -0.83
N PHE C 87 8.22 -11.56 -0.16
CA PHE C 87 6.88 -11.69 -0.72
C PHE C 87 5.91 -10.61 -0.28
N PHE C 88 6.05 -10.05 0.93
CA PHE C 88 4.98 -9.22 1.49
C PHE C 88 5.41 -7.79 1.79
N THR C 89 6.30 -7.56 2.76
CA THR C 89 6.44 -6.21 3.34
C THR C 89 7.35 -5.30 2.52
N GLU C 90 8.28 -5.84 1.74
CA GLU C 90 9.10 -5.02 0.87
C GLU C 90 8.86 -5.30 -0.61
N GLY C 91 8.10 -6.34 -0.95
CA GLY C 91 7.84 -6.65 -2.34
C GLY C 91 9.10 -6.89 -3.15
N ILE C 92 10.12 -7.51 -2.54
CA ILE C 92 11.38 -7.71 -3.25
C ILE C 92 11.20 -8.56 -4.49
N TYR C 93 10.21 -9.45 -4.50
CA TYR C 93 9.98 -10.25 -5.70
C TYR C 93 9.61 -9.37 -6.88
N LEU C 94 8.93 -8.27 -6.63
CA LEU C 94 8.60 -7.36 -7.73
C LEU C 94 9.78 -6.46 -8.10
N GLN C 95 10.65 -6.14 -7.14
CA GLN C 95 11.85 -5.38 -7.49
C GLN C 95 12.77 -6.22 -8.37
N LYS C 96 12.87 -7.52 -8.10
CA LYS C 96 13.75 -8.40 -8.85
C LYS C 96 13.17 -8.71 -10.21
N ARG C 97 11.84 -8.83 -10.31
CA ARG C 97 11.20 -8.90 -11.62
C ARG C 97 11.55 -7.69 -12.47
N GLN C 98 11.43 -6.48 -11.92
CA GLN C 98 11.74 -5.30 -12.72
C GLN C 98 13.21 -5.30 -13.14
N ARG C 99 14.10 -5.70 -12.23
CA ARG C 99 15.53 -5.77 -12.55
C ARG C 99 15.83 -6.82 -13.61
N GLU C 100 15.17 -8.00 -13.55
CA GLU C 100 15.34 -9.00 -14.60
C GLU C 100 14.75 -8.52 -15.93
N GLN C 101 13.63 -7.80 -15.88
CA GLN C 101 13.05 -7.24 -17.10
C GLN C 101 13.98 -6.20 -17.74
N ARG C 102 14.67 -5.39 -16.93
CA ARG C 102 15.62 -4.44 -17.51
C ARG C 102 16.78 -5.17 -18.15
N LEU C 103 17.30 -6.19 -17.47
CA LEU C 103 18.44 -6.94 -17.98
C LEU C 103 18.08 -7.69 -19.25
N LEU C 104 16.85 -8.20 -19.31
CA LEU C 104 16.40 -8.89 -20.51
C LEU C 104 16.32 -7.93 -21.70
N GLU C 105 15.83 -6.71 -21.48
CA GLU C 105 15.77 -5.77 -22.60
C GLU C 105 17.15 -5.35 -23.06
N SER C 106 18.13 -5.25 -22.16
CA SER C 106 19.48 -4.88 -22.60
C SER C 106 20.13 -6.01 -23.41
N TYR C 107 19.89 -7.27 -23.02
CA TYR C 107 20.36 -8.37 -23.86
C TYR C 107 19.66 -8.36 -25.21
N ARG C 108 18.35 -8.09 -25.21
CA ARG C 108 17.61 -7.99 -26.48
C ARG C 108 18.10 -6.82 -27.32
N ALA C 109 18.55 -5.74 -26.68
CA ALA C 109 19.05 -4.59 -27.41
C ALA C 109 20.26 -4.96 -28.26
N GLU C 110 21.12 -5.85 -27.75
CA GLU C 110 22.24 -6.35 -28.54
C GLU C 110 21.89 -7.59 -29.35
N GLY C 111 20.61 -7.90 -29.50
CA GLY C 111 20.20 -9.04 -30.27
C GLY C 111 20.41 -10.38 -29.62
N LYS C 112 21.01 -10.42 -28.42
CA LYS C 112 21.48 -11.69 -27.88
C LYS C 112 20.37 -12.58 -27.32
N LEU C 113 19.11 -12.12 -27.24
CA LEU C 113 18.13 -12.94 -26.52
C LEU C 113 16.65 -12.65 -26.83
N GLY C 114 16.28 -12.67 -28.11
CA GLY C 114 15.06 -12.00 -28.53
C GLY C 114 13.76 -12.61 -28.03
N GLU C 115 13.61 -13.94 -28.12
CA GLU C 115 12.26 -14.52 -28.06
C GLU C 115 11.99 -15.36 -26.80
N VAL C 116 12.66 -15.11 -25.69
CA VAL C 116 12.42 -15.93 -24.51
C VAL C 116 11.00 -15.69 -23.99
N GLN C 117 10.41 -16.75 -23.43
CA GLN C 117 9.15 -16.64 -22.71
C GLN C 117 9.45 -16.54 -21.22
N CYS C 118 8.87 -15.52 -20.60
CA CYS C 118 8.97 -15.32 -19.17
C CYS C 118 7.77 -15.94 -18.47
N ARG C 119 7.95 -16.26 -17.21
CA ARG C 119 6.87 -16.82 -16.41
C ARG C 119 6.87 -16.12 -15.07
N LEU C 120 5.71 -15.64 -14.68
CA LEU C 120 5.58 -14.72 -13.57
C LEU C 120 4.66 -15.31 -12.52
N GLU C 122 1.75 -15.00 -9.68
CA GLU C 122 0.64 -14.20 -9.20
C GLU C 122 0.94 -13.69 -7.81
N GLU C 123 0.11 -12.77 -7.34
CA GLU C 123 0.29 -12.25 -6.00
C GLU C 123 0.34 -13.41 -5.00
N PRO C 124 1.35 -13.47 -4.12
CA PRO C 124 1.47 -14.61 -3.18
C PRO C 124 0.37 -14.61 -2.13
N PRO C 125 -0.18 -15.77 -1.80
CA PRO C 125 -1.11 -15.85 -0.66
C PRO C 125 -0.44 -15.47 0.64
N ASP C 126 -1.26 -15.15 1.64
CA ASP C 126 -0.76 -14.87 2.98
C ASP C 126 -0.09 -16.09 3.60
N ARG C 127 -0.49 -17.30 3.18
CA ARG C 127 0.12 -18.55 3.64
C ARG C 127 0.91 -19.16 2.49
N LEU C 128 2.23 -19.11 2.58
CA LEU C 128 3.09 -19.62 1.50
C LEU C 128 3.35 -21.11 1.68
N HIS C 129 3.51 -21.80 0.54
CA HIS C 129 3.96 -23.19 0.56
C HIS C 129 5.49 -23.22 0.58
N VAL C 130 6.04 -23.79 1.64
CA VAL C 130 7.47 -23.85 1.90
C VAL C 130 7.90 -25.31 2.04
N LEU C 131 8.95 -25.68 1.34
CA LEU C 131 9.60 -26.98 1.50
C LEU C 131 10.90 -26.76 2.27
N ASP C 132 10.98 -27.35 3.46
CA ASP C 132 12.19 -27.35 4.28
C ASP C 132 12.83 -28.73 4.13
N VAL C 133 13.99 -28.79 3.48
CA VAL C 133 14.64 -30.05 3.17
C VAL C 133 15.84 -30.24 4.10
N GLY C 134 15.90 -31.40 4.76
CA GLY C 134 16.88 -31.56 5.81
C GLY C 134 16.49 -30.71 7.00
N SER C 135 15.20 -30.76 7.34
CA SER C 135 14.60 -29.89 8.33
C SER C 135 14.99 -30.23 9.77
N CYS C 136 15.32 -31.49 10.06
CA CYS C 136 15.54 -32.02 11.41
C CYS C 136 14.30 -31.99 12.30
N PHE C 137 13.84 -30.78 12.65
CA PHE C 137 12.80 -30.63 13.66
C PHE C 137 11.73 -29.60 13.26
N ASN C 138 11.62 -29.23 11.98
CA ASN C 138 10.59 -28.29 11.52
C ASN C 138 10.58 -26.93 12.24
N PRO C 139 11.70 -26.21 12.32
CA PRO C 139 11.68 -24.88 12.98
C PRO C 139 10.81 -23.85 12.27
N PHE C 140 10.70 -23.89 10.96
CA PHE C 140 9.97 -22.82 10.27
C PHE C 140 8.46 -22.92 10.36
N SER C 141 7.91 -24.03 10.87
CA SER C 141 6.49 -24.12 11.17
C SER C 141 6.09 -23.17 12.29
N SER C 142 7.04 -22.50 12.95
CA SER C 142 6.70 -21.50 13.95
C SER C 142 6.37 -20.13 13.35
N ALA C 143 6.60 -19.94 12.05
CA ALA C 143 6.34 -18.65 11.41
C ALA C 143 4.95 -18.67 10.79
N PRO C 144 4.08 -17.73 11.13
CA PRO C 144 2.67 -17.85 10.70
C PRO C 144 2.46 -17.80 9.20
N HIS C 145 3.30 -17.10 8.43
CA HIS C 145 3.17 -17.06 6.98
C HIS C 145 3.62 -18.35 6.29
N LEU C 146 4.25 -19.28 7.00
CA LEU C 146 4.92 -20.39 6.34
C LEU C 146 4.13 -21.67 6.59
N GLU C 147 3.49 -22.19 5.54
CA GLU C 147 2.91 -23.53 5.60
C GLU C 147 3.95 -24.52 5.10
N VAL C 148 4.62 -25.19 6.04
CA VAL C 148 5.87 -25.91 5.78
C VAL C 148 5.56 -27.40 5.58
N THR C 149 6.07 -27.96 4.49
CA THR C 149 6.26 -29.40 4.36
C THR C 149 7.72 -29.67 4.70
N ALA C 150 7.96 -30.35 5.81
CA ALA C 150 9.31 -30.62 6.29
C ALA C 150 9.71 -32.05 5.96
N LEU C 151 10.93 -32.21 5.45
CA LEU C 151 11.48 -33.51 5.07
C LEU C 151 12.87 -33.69 5.69
N ASP C 152 13.23 -34.93 5.96
CA ASP C 152 14.54 -35.17 6.54
C ASP C 152 14.85 -36.65 6.45
N LEU C 153 16.10 -36.96 6.11
CA LEU C 153 16.52 -38.36 6.04
C LEU C 153 16.33 -39.06 7.39
N CYS C 154 16.48 -38.31 8.49
CA CYS C 154 16.37 -38.85 9.84
C CYS C 154 15.58 -37.89 10.71
N PRO C 155 14.25 -37.85 10.57
CA PRO C 155 13.42 -36.89 11.32
C PRO C 155 13.70 -36.94 12.82
N ALA C 156 13.84 -35.77 13.42
CA ALA C 156 13.98 -35.70 14.86
C ALA C 156 12.66 -35.54 15.58
N THR C 157 11.63 -35.05 14.90
CA THR C 157 10.33 -34.81 15.49
C THR C 157 9.25 -35.38 14.58
N GLU C 158 8.08 -35.62 15.16
CA GLU C 158 7.03 -36.34 14.46
C GLU C 158 6.43 -35.57 13.29
N ASP C 159 6.57 -34.25 13.23
CA ASP C 159 5.97 -33.47 12.15
C ASP C 159 6.86 -33.38 10.91
N VAL C 160 7.94 -34.14 10.87
CA VAL C 160 8.89 -34.08 9.76
C VAL C 160 8.78 -35.40 9.01
N LEU C 161 8.44 -35.31 7.73
CA LEU C 161 8.35 -36.50 6.90
C LEU C 161 9.75 -37.06 6.64
N GLN C 162 9.86 -38.39 6.62
CA GLN C 162 11.11 -39.03 6.26
C GLN C 162 11.25 -39.06 4.75
N ALA C 163 12.46 -38.78 4.28
CA ALA C 163 12.73 -38.68 2.85
C ALA C 163 14.23 -38.62 2.62
N ASP C 164 14.72 -39.39 1.65
CA ASP C 164 16.02 -39.12 1.03
C ASP C 164 15.75 -38.24 -0.19
N PHE C 165 16.14 -36.98 -0.10
CA PHE C 165 15.78 -36.02 -1.13
C PHE C 165 16.35 -36.40 -2.49
N LEU C 166 17.54 -37.01 -2.52
CA LEU C 166 18.13 -37.46 -3.78
C LEU C 166 17.37 -38.64 -4.38
N LYS C 167 16.46 -39.25 -3.63
CA LYS C 167 15.58 -40.28 -4.17
C LYS C 167 14.15 -39.77 -4.36
N VAL C 168 13.92 -38.46 -4.29
CA VAL C 168 12.59 -37.92 -4.45
C VAL C 168 12.41 -37.43 -5.90
N GLU C 169 11.33 -37.85 -6.53
CA GLU C 169 10.98 -37.40 -7.87
C GLU C 169 10.08 -36.17 -7.80
N VAL C 170 10.38 -35.18 -8.62
CA VAL C 170 9.63 -33.93 -8.70
C VAL C 170 8.70 -34.04 -9.89
N VAL C 171 7.38 -34.04 -9.65
CA VAL C 171 6.39 -34.53 -10.60
C VAL C 171 5.34 -33.46 -10.91
N PRO C 172 5.16 -33.07 -12.18
CA PRO C 172 4.10 -32.11 -12.51
C PRO C 172 2.76 -32.81 -12.61
N GLY C 173 1.72 -32.12 -12.15
CA GLY C 173 0.38 -32.66 -12.18
C GLY C 173 -0.18 -33.08 -10.84
N ILE C 174 0.62 -33.08 -9.77
CA ILE C 174 0.15 -33.50 -8.45
C ILE C 174 0.17 -32.31 -7.50
N ARG C 175 -0.63 -32.40 -6.44
CA ARG C 175 -0.81 -31.32 -5.48
C ARG C 175 -0.08 -31.57 -4.18
N GLU C 176 0.14 -32.83 -3.82
CA GLU C 176 0.65 -33.16 -2.50
C GLU C 176 1.81 -34.14 -2.59
N PRO C 177 2.64 -34.20 -1.55
CA PRO C 177 3.63 -35.29 -1.44
C PRO C 177 2.95 -36.64 -1.54
N GLU C 178 3.64 -37.58 -2.17
CA GLU C 178 3.20 -38.98 -2.22
C GLU C 178 4.24 -39.84 -1.56
N LEU C 179 3.81 -40.62 -0.58
CA LEU C 179 4.67 -41.46 0.24
C LEU C 179 4.46 -42.93 -0.08
N GLU C 180 5.52 -43.72 0.06
CA GLU C 180 5.43 -45.16 -0.10
C GLU C 180 6.38 -45.82 0.89
N GLU C 181 5.82 -46.67 1.76
CA GLU C 181 6.53 -47.27 2.88
C GLU C 181 7.01 -46.19 3.86
N GLY C 182 6.13 -45.23 4.16
CA GLY C 182 6.44 -44.19 5.11
C GLY C 182 7.47 -43.17 4.66
N SER C 183 7.88 -43.18 3.40
CA SER C 183 8.97 -42.36 2.88
C SER C 183 8.47 -41.52 1.69
N VAL C 184 8.82 -40.24 1.68
CA VAL C 184 8.40 -39.37 0.57
C VAL C 184 9.11 -39.77 -0.71
N ARG C 185 8.34 -40.08 -1.75
CA ARG C 185 8.92 -40.48 -3.02
C ARG C 185 8.62 -39.52 -4.16
N ARG C 186 7.54 -38.74 -4.07
CA ARG C 186 7.25 -37.74 -5.08
C ARG C 186 6.74 -36.47 -4.40
N LEU C 187 7.07 -35.33 -5.02
CA LEU C 187 6.68 -33.99 -4.63
C LEU C 187 6.15 -33.23 -5.83
N PRO C 188 5.26 -32.25 -5.61
CA PRO C 188 4.68 -31.51 -6.74
C PRO C 188 5.67 -30.56 -7.39
N ALA C 189 5.69 -30.55 -8.72
CA ALA C 189 6.48 -29.56 -9.43
C ALA C 189 5.79 -28.19 -9.38
N SER C 190 6.61 -27.13 -9.40
CA SER C 190 6.15 -25.76 -9.55
C SER C 190 5.01 -25.45 -8.58
N HIS C 191 5.31 -25.60 -7.31
CA HIS C 191 4.30 -25.65 -6.26
C HIS C 191 4.66 -24.86 -5.03
N TYR C 192 5.95 -24.67 -4.74
CA TYR C 192 6.38 -24.00 -3.53
C TYR C 192 6.88 -22.60 -3.88
N GLU C 193 6.50 -21.63 -3.05
CA GLU C 193 7.07 -20.29 -3.14
C GLU C 193 8.50 -20.28 -2.61
N CYS C 194 8.86 -21.21 -1.74
CA CYS C 194 10.15 -21.18 -1.07
C CYS C 194 10.60 -22.59 -0.74
N VAL C 195 11.87 -22.89 -1.07
CA VAL C 195 12.55 -24.11 -0.70
C VAL C 195 13.76 -23.74 0.16
N ILE C 196 13.91 -24.42 1.30
CA ILE C 196 14.98 -24.11 2.25
C ILE C 196 15.95 -25.29 2.32
N PHE C 197 17.22 -25.01 2.02
CA PHE C 197 18.35 -25.90 2.23
C PHE C 197 19.20 -25.27 3.34
N SER C 198 18.78 -25.46 4.58
CA SER C 198 19.47 -24.86 5.71
C SER C 198 20.46 -25.90 6.22
N LEU C 199 21.73 -25.72 5.86
CA LEU C 199 22.82 -26.58 6.32
C LEU C 199 22.59 -28.03 5.90
N LEU C 200 22.19 -28.18 4.65
CA LEU C 200 21.91 -29.48 4.08
C LEU C 200 23.01 -29.96 3.16
N LEU C 201 23.52 -29.07 2.30
CA LEU C 201 24.35 -29.50 1.18
C LEU C 201 25.73 -29.98 1.61
N GLU C 202 26.14 -29.73 2.86
CA GLU C 202 27.38 -30.31 3.35
C GLU C 202 27.28 -31.81 3.58
N TYR C 203 26.08 -32.39 3.46
CA TYR C 203 25.90 -33.82 3.62
C TYR C 203 25.88 -34.57 2.29
N SER C 206 29.15 -35.63 -3.01
CA SER C 206 29.71 -35.11 -4.26
C SER C 206 29.04 -33.80 -4.67
N ALA C 207 29.83 -32.93 -5.32
CA ALA C 207 29.28 -31.68 -5.81
C ALA C 207 28.18 -31.92 -6.85
N GLU C 208 28.24 -33.05 -7.56
CA GLU C 208 27.19 -33.38 -8.51
C GLU C 208 25.86 -33.63 -7.82
N GLN C 209 25.89 -34.22 -6.63
CA GLN C 209 24.64 -34.41 -5.89
C GLN C 209 24.14 -33.10 -5.28
N ARG C 210 25.05 -32.22 -4.85
CA ARG C 210 24.64 -30.87 -4.45
C ARG C 210 23.93 -30.15 -5.59
N LEU C 211 24.39 -30.37 -6.82
CA LEU C 211 23.74 -29.76 -7.98
C LEU C 211 22.38 -30.40 -8.24
N GLN C 212 22.26 -31.72 -8.05
CA GLN C 212 20.97 -32.39 -8.23
C GLN C 212 19.92 -31.84 -7.26
N CYS C 213 20.30 -31.66 -5.99
CA CYS C 213 19.38 -31.05 -5.02
C CYS C 213 18.92 -29.69 -5.51
N CYS C 214 19.83 -28.92 -6.10
CA CYS C 214 19.51 -27.57 -6.54
C CYS C 214 18.64 -27.60 -7.77
N LEU C 215 18.90 -28.54 -8.69
CA LEU C 215 18.01 -28.74 -9.83
C LEU C 215 16.61 -29.14 -9.36
N GLN C 216 16.53 -30.05 -8.39
CA GLN C 216 15.22 -30.44 -7.89
C GLN C 216 14.50 -29.27 -7.22
N ALA C 217 15.25 -28.48 -6.44
CA ALA C 217 14.69 -27.24 -5.88
C ALA C 217 14.16 -26.31 -6.98
N TYR C 218 14.89 -26.19 -8.09
CA TYR C 218 14.41 -25.36 -9.19
C TYR C 218 13.05 -25.85 -9.70
N ASP C 219 12.93 -27.16 -9.95
CA ASP C 219 11.68 -27.72 -10.46
C ASP C 219 10.54 -27.62 -9.46
N LEU C 220 10.83 -27.57 -8.15
CA LEU C 220 9.78 -27.49 -7.13
C LEU C 220 9.26 -26.09 -6.93
N LEU C 221 10.05 -25.07 -7.26
CA LEU C 221 9.67 -23.68 -7.03
C LEU C 221 8.70 -23.17 -8.09
N LEU C 222 7.73 -22.38 -7.63
CA LEU C 222 6.94 -21.52 -8.48
C LEU C 222 7.83 -20.50 -9.20
N PRO C 223 7.41 -20.05 -10.39
CA PRO C 223 8.10 -18.90 -11.00
C PRO C 223 8.30 -17.79 -9.99
N GLU C 224 9.54 -17.31 -9.91
CA GLU C 224 10.03 -16.23 -9.04
C GLU C 224 10.12 -16.64 -7.57
N GLY C 225 9.88 -17.90 -7.23
CA GLY C 225 10.12 -18.36 -5.86
C GLY C 225 11.59 -18.31 -5.49
N ILE C 226 11.88 -18.58 -4.22
CA ILE C 226 13.23 -18.42 -3.71
C ILE C 226 13.72 -19.70 -3.07
N LEU C 227 15.00 -19.99 -3.30
CA LEU C 227 15.70 -21.09 -2.64
C LEU C 227 16.60 -20.46 -1.58
N VAL C 228 16.30 -20.74 -0.32
CA VAL C 228 17.08 -20.23 0.79
C VAL C 228 18.19 -21.23 1.09
N LEU C 229 19.43 -20.76 1.07
CA LEU C 229 20.59 -21.62 1.22
C LEU C 229 21.44 -21.11 2.38
N ILE C 230 21.60 -21.95 3.40
CA ILE C 230 22.40 -21.58 4.57
C ILE C 230 23.55 -22.56 4.69
N THR C 231 24.78 -22.05 4.60
CA THR C 231 25.96 -22.92 4.57
C THR C 231 26.92 -22.58 5.71
N PRO C 232 27.68 -23.57 6.16
CA PRO C 232 28.66 -23.33 7.23
C PRO C 232 30.00 -22.89 6.69
N ASP C 233 30.72 -22.14 7.51
CA ASP C 233 32.09 -21.75 7.17
C ASP C 233 33.03 -22.96 7.25
N LYS C 245 31.92 -17.97 -6.95
CA LYS C 245 31.40 -17.52 -8.25
C LYS C 245 31.25 -18.64 -9.26
N ASN C 246 31.90 -19.80 -9.04
CA ASN C 246 31.44 -21.02 -9.69
C ASN C 246 30.04 -21.40 -9.19
N TRP C 247 29.70 -21.14 -7.92
CA TRP C 247 28.40 -21.48 -7.39
C TRP C 247 27.29 -20.68 -8.08
N ARG C 248 27.38 -19.36 -8.05
CA ARG C 248 26.40 -18.51 -8.74
C ARG C 248 26.33 -18.85 -10.22
N TYR C 249 27.49 -19.09 -10.85
CA TYR C 249 27.50 -19.54 -12.23
C TYR C 249 26.77 -20.86 -12.38
N SER C 250 27.06 -21.82 -11.52
CA SER C 250 26.40 -23.13 -11.57
C SER C 250 24.90 -23.01 -11.38
N LEU C 251 24.48 -22.23 -10.37
CA LEU C 251 23.04 -22.09 -10.14
C LEU C 251 22.40 -21.26 -11.23
N ALA C 252 23.10 -20.25 -11.75
CA ALA C 252 22.56 -19.48 -12.86
C ALA C 252 22.37 -20.34 -14.10
N ARG C 253 23.27 -21.31 -14.31
CA ARG C 253 23.07 -22.25 -15.40
C ARG C 253 21.80 -23.09 -15.23
N ILE C 254 21.31 -23.22 -13.98
CA ILE C 254 20.06 -23.90 -13.65
C ILE C 254 18.85 -23.00 -13.87
N GLY C 255 19.04 -21.69 -13.74
CA GLY C 255 17.94 -20.75 -13.81
C GLY C 255 17.73 -19.95 -12.54
N LEU C 256 18.67 -20.03 -11.60
CA LEU C 256 18.59 -19.43 -10.29
C LEU C 256 19.58 -18.29 -10.19
N LEU C 257 19.12 -17.09 -9.86
CA LEU C 257 19.97 -15.92 -9.74
C LEU C 257 19.99 -15.49 -8.28
N ARG C 258 21.18 -15.20 -7.76
CA ARG C 258 21.26 -14.85 -6.34
C ARG C 258 20.65 -13.48 -6.10
N VAL C 259 19.83 -13.37 -5.06
CA VAL C 259 19.20 -12.10 -4.74
C VAL C 259 19.57 -11.59 -3.36
N ARG C 260 20.28 -12.37 -2.55
CA ARG C 260 20.64 -11.93 -1.22
C ARG C 260 21.81 -12.74 -0.72
N PHE C 261 22.74 -12.07 -0.05
CA PHE C 261 23.85 -12.73 0.63
C PHE C 261 24.13 -11.96 1.92
N GLU C 262 24.24 -12.69 3.03
CA GLU C 262 24.50 -12.08 4.33
C GLU C 262 25.29 -13.04 5.21
N LYS C 263 26.26 -12.48 5.92
CA LYS C 263 27.14 -13.24 6.79
C LYS C 263 26.61 -13.17 8.22
N LEU C 264 26.33 -14.32 8.80
CA LEU C 264 25.99 -14.47 10.21
C LEU C 264 27.09 -15.23 10.93
N PRO C 265 27.08 -15.26 12.26
CA PRO C 265 28.10 -16.02 12.99
C PRO C 265 28.14 -17.48 12.54
N HIS C 266 29.29 -17.86 12.00
CA HIS C 266 29.68 -19.21 11.59
C HIS C 266 29.00 -19.69 10.32
N ILE C 267 28.17 -18.87 9.68
CA ILE C 267 27.43 -19.34 8.51
C ILE C 267 27.38 -18.26 7.43
N SER C 268 27.03 -18.69 6.22
CA SER C 268 26.66 -17.79 5.13
C SER C 268 25.19 -18.02 4.80
N CYS C 269 24.44 -16.94 4.62
CA CYS C 269 23.02 -17.01 4.25
C CYS C 269 22.84 -16.51 2.83
N VAL C 271 20.10 -16.35 -0.71
CA VAL C 271 18.79 -16.55 -1.33
C VAL C 271 18.96 -16.47 -2.83
N PHE C 272 18.51 -17.52 -3.51
CA PHE C 272 18.48 -17.59 -4.96
C PHE C 272 17.05 -17.64 -5.48
N ARG C 273 16.84 -16.96 -6.58
CA ARG C 273 15.52 -16.71 -7.12
C ARG C 273 15.38 -17.41 -8.46
N LYS C 274 14.25 -18.11 -8.64
CA LYS C 274 13.91 -18.67 -9.94
C LYS C 274 13.54 -17.51 -10.86
N ALA C 275 14.50 -17.08 -11.66
CA ALA C 275 14.33 -15.92 -12.52
C ALA C 275 13.13 -16.09 -13.45
N ILE C 276 12.66 -14.95 -13.98
CA ILE C 276 11.48 -14.95 -14.83
C ILE C 276 11.70 -15.79 -16.08
N SER C 277 12.95 -16.05 -16.43
CA SER C 277 13.29 -16.79 -17.63
C SER C 277 14.61 -17.50 -17.38
N ARG C 278 14.60 -18.83 -17.55
CA ARG C 278 15.84 -19.58 -17.44
C ARG C 278 16.81 -19.23 -18.57
N GLU C 279 16.30 -18.95 -19.77
CA GLU C 279 17.19 -18.51 -20.84
C GLU C 279 17.91 -17.23 -20.45
N LEU C 280 17.18 -16.27 -19.87
CA LEU C 280 17.81 -15.08 -19.31
C LEU C 280 18.93 -15.44 -18.35
N SER C 281 18.63 -16.26 -17.35
CA SER C 281 19.62 -16.58 -16.32
C SER C 281 20.82 -17.31 -16.93
N GLN C 282 20.58 -18.24 -17.84
CA GLN C 282 21.69 -18.93 -18.47
C GLN C 282 22.55 -17.97 -19.29
N HIS C 283 21.93 -17.00 -19.95
CA HIS C 283 22.74 -16.04 -20.70
C HIS C 283 23.54 -15.15 -19.78
N TRP C 284 22.95 -14.71 -18.67
CA TRP C 284 23.73 -14.08 -17.62
C TRP C 284 24.92 -14.93 -17.24
N ALA C 285 24.72 -16.24 -17.12
CA ALA C 285 25.80 -17.11 -16.68
C ALA C 285 26.95 -17.09 -17.69
N SER C 286 26.64 -17.23 -18.99
CA SER C 286 27.66 -17.18 -20.04
C SER C 286 28.57 -15.97 -19.87
N ILE C 287 27.98 -14.79 -19.74
CA ILE C 287 28.74 -13.56 -19.56
C ILE C 287 29.66 -13.66 -18.35
N HIS C 288 29.24 -14.38 -17.32
CA HIS C 288 30.02 -14.42 -16.09
C HIS C 288 30.71 -15.77 -15.90
N LEU D 70 -24.32 16.60 -19.66
CA LEU D 70 -25.21 17.73 -19.86
C LEU D 70 -26.32 17.67 -18.82
N GLN D 71 -27.45 17.08 -19.23
CA GLN D 71 -28.52 16.72 -18.32
C GLN D 71 -28.22 15.41 -17.60
N ALA D 72 -27.07 14.78 -17.85
CA ALA D 72 -26.82 13.40 -17.41
C ALA D 72 -25.92 13.29 -16.18
N ARG D 73 -24.61 13.53 -16.35
CA ARG D 73 -23.66 13.36 -15.25
C ARG D 73 -23.43 14.67 -14.49
N SER D 74 -24.37 15.59 -14.53
CA SER D 74 -24.16 16.87 -13.90
C SER D 74 -24.19 16.75 -12.38
N ARG D 75 -23.60 17.75 -11.73
CA ARG D 75 -23.85 17.97 -10.31
C ARG D 75 -25.33 17.96 -9.97
N ILE D 76 -26.20 18.36 -10.90
CA ILE D 76 -27.63 18.43 -10.62
C ILE D 76 -28.21 17.02 -10.44
N LYS D 77 -27.86 16.12 -11.36
CA LYS D 77 -28.33 14.75 -11.27
C LYS D 77 -27.69 14.03 -10.10
N TRP D 78 -26.45 14.39 -9.77
CA TRP D 78 -25.76 13.75 -8.66
C TRP D 78 -26.45 14.06 -7.34
N ALA D 79 -26.82 15.32 -7.12
CA ALA D 79 -27.49 15.71 -5.88
C ALA D 79 -28.90 15.15 -5.80
N ILE D 80 -29.68 15.23 -6.88
CA ILE D 80 -31.03 14.66 -6.91
C ILE D 80 -30.98 13.19 -6.58
N ASP D 81 -30.03 12.48 -7.18
CA ASP D 81 -29.82 11.05 -6.93
C ASP D 81 -29.46 10.78 -5.48
N TYR D 82 -28.55 11.56 -4.90
CA TYR D 82 -28.17 11.29 -3.51
C TYR D 82 -29.33 11.56 -2.55
N ILE D 83 -30.08 12.63 -2.78
CA ILE D 83 -31.17 12.99 -1.86
C ILE D 83 -32.19 11.85 -1.79
N THR D 84 -32.49 11.22 -2.92
CA THR D 84 -33.46 10.13 -2.92
C THR D 84 -32.90 8.92 -2.17
N LYS D 85 -31.62 8.60 -2.39
CA LYS D 85 -30.98 7.50 -1.65
C LYS D 85 -30.95 7.79 -0.16
N TYR D 86 -30.67 9.04 0.21
CA TYR D 86 -30.48 9.38 1.62
C TYR D 86 -31.78 9.28 2.40
N PHE D 87 -32.90 9.74 1.83
CA PHE D 87 -34.17 9.75 2.56
C PHE D 87 -35.09 8.57 2.25
N PHE D 88 -35.02 7.97 1.07
CA PHE D 88 -36.07 7.06 0.59
C PHE D 88 -35.52 5.68 0.23
N THR D 89 -34.75 5.56 -0.86
CA THR D 89 -34.51 4.25 -1.45
C THR D 89 -33.40 3.46 -0.75
N GLU D 90 -32.44 4.13 -0.12
CA GLU D 90 -31.41 3.40 0.61
C GLU D 90 -31.43 3.63 2.12
N GLY D 91 -32.30 4.51 2.61
CA GLY D 91 -32.39 4.74 4.04
C GLY D 91 -31.09 5.21 4.69
N ILE D 92 -30.32 6.03 3.98
CA ILE D 92 -29.01 6.40 4.49
C ILE D 92 -29.14 7.26 5.74
N TYR D 93 -30.23 8.01 5.90
CA TYR D 93 -30.35 8.79 7.13
C TYR D 93 -30.45 7.87 8.34
N LEU D 94 -31.00 6.67 8.16
CA LEU D 94 -31.05 5.71 9.26
C LEU D 94 -29.70 5.03 9.48
N GLN D 95 -28.97 4.74 8.40
CA GLN D 95 -27.62 4.17 8.56
C GLN D 95 -26.71 5.12 9.33
N LYS D 96 -26.76 6.42 8.98
CA LYS D 96 -25.91 7.38 9.67
C LYS D 96 -26.38 7.61 11.10
N ARG D 97 -27.68 7.50 11.35
CA ARG D 97 -28.16 7.58 12.72
C ARG D 97 -27.54 6.49 13.58
N GLN D 98 -27.56 5.24 13.08
CA GLN D 98 -26.90 4.15 13.79
C GLN D 98 -25.42 4.41 13.92
N ARG D 99 -24.80 4.93 12.86
CA ARG D 99 -23.38 5.28 12.94
C ARG D 99 -23.14 6.28 14.06
N GLU D 100 -24.00 7.30 14.18
CA GLU D 100 -23.84 8.31 15.22
C GLU D 100 -24.21 7.76 16.60
N GLN D 101 -25.19 6.87 16.68
CA GLN D 101 -25.50 6.24 17.97
C GLN D 101 -24.38 5.31 18.43
N ARG D 102 -23.71 4.62 17.49
CA ARG D 102 -22.54 3.83 17.88
C ARG D 102 -21.42 4.74 18.37
N LEU D 103 -21.24 5.89 17.71
CA LEU D 103 -20.15 6.79 18.07
C LEU D 103 -20.39 7.45 19.42
N LEU D 104 -21.65 7.80 19.72
CA LEU D 104 -21.97 8.40 21.02
C LEU D 104 -21.73 7.41 22.15
N GLU D 105 -22.10 6.14 21.94
CA GLU D 105 -21.84 5.13 22.96
C GLU D 105 -20.36 4.96 23.22
N SER D 106 -19.55 4.94 22.15
CA SER D 106 -18.10 4.87 22.30
C SER D 106 -17.59 6.01 23.18
N TYR D 107 -18.05 7.23 22.93
CA TYR D 107 -17.63 8.38 23.72
C TYR D 107 -18.15 8.28 25.15
N ARG D 108 -19.43 7.92 25.31
CA ARG D 108 -19.98 7.78 26.66
C ARG D 108 -19.19 6.78 27.49
N ALA D 109 -18.82 5.65 26.89
CA ALA D 109 -18.04 4.63 27.60
C ALA D 109 -16.61 5.08 27.86
N GLU D 110 -16.04 5.90 26.96
CA GLU D 110 -14.72 6.50 27.16
C GLU D 110 -14.75 7.69 28.11
N GLY D 111 -15.84 7.88 28.84
CA GLY D 111 -15.92 8.93 29.85
C GLY D 111 -16.17 10.34 29.34
N LYS D 112 -15.78 10.63 28.09
CA LYS D 112 -15.74 12.01 27.62
C LYS D 112 -17.09 12.51 27.08
N LEU D 113 -18.20 11.95 27.56
CA LEU D 113 -19.50 12.48 27.13
C LEU D 113 -20.58 12.10 28.13
N GLY D 114 -21.57 12.97 28.27
CA GLY D 114 -22.61 12.75 29.27
C GLY D 114 -23.95 12.25 28.77
N GLU D 115 -25.01 12.96 29.10
CA GLU D 115 -26.35 12.59 28.65
C GLU D 115 -26.85 13.70 27.73
N VAL D 116 -26.21 13.78 26.56
CA VAL D 116 -26.47 14.86 25.61
C VAL D 116 -27.86 14.72 25.00
N GLN D 117 -28.43 15.85 24.61
CA GLN D 117 -29.76 15.88 24.02
C GLN D 117 -29.65 15.54 22.54
N CYS D 118 -30.35 14.50 22.12
CA CYS D 118 -30.41 14.11 20.72
C CYS D 118 -31.77 14.48 20.13
N ARG D 119 -31.76 14.79 18.83
CA ARG D 119 -32.98 15.15 18.11
C ARG D 119 -33.03 14.37 16.81
N LEU D 120 -34.07 13.57 16.64
CA LEU D 120 -34.18 12.68 15.50
C LEU D 120 -35.27 13.19 14.56
N GLU D 122 -38.49 12.62 11.97
CA GLU D 122 -39.59 11.73 11.66
C GLU D 122 -39.33 11.06 10.32
N GLU D 123 -40.12 10.03 10.01
CA GLU D 123 -40.11 9.50 8.67
C GLU D 123 -40.37 10.65 7.69
N PRO D 124 -39.48 10.88 6.72
CA PRO D 124 -39.68 12.00 5.81
C PRO D 124 -40.89 11.80 4.93
N PRO D 125 -41.56 12.87 4.54
CA PRO D 125 -42.66 12.77 3.57
C PRO D 125 -42.13 12.56 2.15
N ASP D 126 -43.03 12.13 1.27
CA ASP D 126 -42.65 11.90 -0.12
C ASP D 126 -42.22 13.19 -0.81
N ARG D 127 -42.74 14.31 -0.37
CA ARG D 127 -42.39 15.63 -0.89
C ARG D 127 -41.54 16.35 0.15
N LEU D 128 -40.25 16.50 -0.14
CA LEU D 128 -39.29 17.09 0.79
C LEU D 128 -39.22 18.60 0.59
N HIS D 129 -39.02 19.31 1.70
CA HIS D 129 -38.77 20.76 1.66
C HIS D 129 -37.29 21.01 1.46
N VAL D 130 -36.93 21.50 0.26
CA VAL D 130 -35.57 21.76 -0.16
C VAL D 130 -35.36 23.27 -0.33
N LEU D 131 -34.28 23.78 0.24
CA LEU D 131 -33.83 25.15 0.03
C LEU D 131 -32.61 25.13 -0.87
N ASP D 132 -32.69 25.86 -1.99
CA ASP D 132 -31.60 25.93 -2.97
C ASP D 132 -31.10 27.37 -2.99
N VAL D 133 -29.88 27.57 -2.51
CA VAL D 133 -29.33 28.90 -2.28
C VAL D 133 -28.28 29.20 -3.32
N GLY D 134 -28.44 30.32 -4.03
CA GLY D 134 -27.68 30.54 -5.23
C GLY D 134 -28.22 29.71 -6.37
N SER D 135 -29.55 29.56 -6.43
CA SER D 135 -30.20 28.65 -7.36
C SER D 135 -29.90 29.02 -8.81
N CYS D 136 -29.73 30.31 -9.09
CA CYS D 136 -29.71 30.87 -10.45
C CYS D 136 -31.04 30.65 -11.18
N PHE D 137 -31.37 29.39 -11.51
CA PHE D 137 -32.54 29.11 -12.34
C PHE D 137 -33.41 27.94 -11.82
N ASN D 138 -33.27 27.53 -10.55
CA ASN D 138 -34.12 26.49 -9.96
C ASN D 138 -34.07 25.14 -10.69
N PRO D 139 -32.87 24.56 -10.91
CA PRO D 139 -32.82 23.24 -11.56
C PRO D 139 -33.45 22.10 -10.78
N PHE D 140 -33.52 22.17 -9.45
CA PHE D 140 -34.03 21.03 -8.70
C PHE D 140 -35.55 20.97 -8.63
N SER D 141 -36.26 22.00 -9.08
CA SER D 141 -37.72 21.91 -9.10
C SER D 141 -38.21 20.87 -10.09
N SER D 142 -37.32 20.33 -10.92
CA SER D 142 -37.63 19.28 -11.86
C SER D 142 -37.69 17.89 -11.21
N ALA D 143 -37.24 17.76 -9.98
CA ALA D 143 -37.23 16.45 -9.34
C ALA D 143 -38.52 16.27 -8.55
N PRO D 144 -39.30 15.23 -8.83
CA PRO D 144 -40.64 15.09 -8.21
C PRO D 144 -40.64 15.06 -6.70
N HIS D 145 -39.59 14.55 -6.05
CA HIS D 145 -39.51 14.55 -4.59
C HIS D 145 -39.18 15.91 -3.98
N LEU D 146 -38.68 16.89 -4.75
CA LEU D 146 -38.10 18.09 -4.16
C LEU D 146 -39.08 19.25 -4.30
N GLU D 147 -39.65 19.69 -3.18
CA GLU D 147 -40.44 20.91 -3.14
C GLU D 147 -39.48 22.06 -2.85
N VAL D 148 -39.01 22.73 -3.90
CA VAL D 148 -37.87 23.62 -3.79
C VAL D 148 -38.32 25.04 -3.55
N THR D 149 -37.77 25.65 -2.49
CA THR D 149 -37.74 27.09 -2.32
C THR D 149 -36.37 27.56 -2.81
N ALA D 150 -36.36 28.31 -3.92
CA ALA D 150 -35.11 28.72 -4.57
C ALA D 150 -34.86 30.20 -4.30
N LEU D 151 -33.63 30.53 -3.93
CA LEU D 151 -33.21 31.90 -3.62
C LEU D 151 -31.98 32.24 -4.46
N ASP D 152 -31.83 33.53 -4.80
CA ASP D 152 -30.65 33.94 -5.55
C ASP D 152 -30.46 35.44 -5.40
N LEU D 153 -29.20 35.86 -5.39
CA LEU D 153 -28.91 37.29 -5.35
C LEU D 153 -29.37 37.98 -6.61
N CYS D 154 -29.33 37.29 -7.74
CA CYS D 154 -29.69 37.85 -9.05
C CYS D 154 -30.46 36.80 -9.83
N PRO D 155 -31.71 36.54 -9.45
CA PRO D 155 -32.47 35.44 -10.05
C PRO D 155 -32.50 35.52 -11.57
N ALA D 156 -32.23 34.39 -12.22
CA ALA D 156 -32.25 34.33 -13.67
C ALA D 156 -33.62 33.98 -14.22
N THR D 157 -34.46 33.37 -13.41
CA THR D 157 -35.80 32.94 -13.84
C THR D 157 -36.82 33.41 -12.81
N GLU D 158 -38.08 33.41 -13.24
CA GLU D 158 -39.15 33.98 -12.43
C GLU D 158 -39.47 33.17 -11.19
N ASP D 159 -39.19 31.86 -11.20
CA ASP D 159 -39.49 31.00 -10.07
C ASP D 159 -38.40 30.98 -9.00
N VAL D 160 -37.45 31.90 -9.06
CA VAL D 160 -36.40 32.03 -8.05
C VAL D 160 -36.66 33.31 -7.28
N LEU D 161 -36.68 33.20 -5.95
CA LEU D 161 -36.83 34.37 -5.09
C LEU D 161 -35.53 35.15 -4.97
N GLN D 162 -35.63 36.48 -4.90
CA GLN D 162 -34.45 37.32 -4.74
C GLN D 162 -34.07 37.41 -3.26
N ALA D 163 -32.77 37.27 -2.99
CA ALA D 163 -32.33 37.27 -1.59
C ALA D 163 -30.81 37.38 -1.56
N ASP D 164 -30.32 38.23 -0.67
CA ASP D 164 -28.92 38.17 -0.23
C ASP D 164 -28.92 37.27 1.00
N PHE D 165 -28.46 36.03 0.82
CA PHE D 165 -28.56 35.03 1.89
C PHE D 165 -27.85 35.47 3.17
N LEU D 166 -26.76 36.23 3.05
CA LEU D 166 -26.09 36.72 4.26
C LEU D 166 -26.97 37.68 5.05
N LYS D 167 -28.00 38.23 4.41
CA LYS D 167 -28.93 39.16 5.05
C LYS D 167 -30.27 38.53 5.39
N VAL D 168 -30.39 37.21 5.30
CA VAL D 168 -31.61 36.50 5.65
C VAL D 168 -31.54 36.03 7.09
N GLU D 169 -32.57 36.33 7.87
CA GLU D 169 -32.71 35.82 9.23
C GLU D 169 -33.44 34.49 9.22
N VAL D 170 -32.89 33.49 9.91
CA VAL D 170 -33.52 32.20 10.05
C VAL D 170 -34.30 32.20 11.36
N VAL D 171 -35.63 32.11 11.27
CA VAL D 171 -36.52 32.41 12.37
C VAL D 171 -37.32 31.15 12.74
N PRO D 172 -37.24 30.68 13.96
CA PRO D 172 -38.12 29.59 14.39
C PRO D 172 -39.55 30.08 14.49
N GLY D 173 -40.48 29.18 14.19
CA GLY D 173 -41.89 29.44 14.39
C GLY D 173 -42.66 29.82 13.14
N ILE D 174 -42.03 30.46 12.18
CA ILE D 174 -42.74 30.78 10.94
C ILE D 174 -42.70 29.55 10.03
N ARG D 175 -43.53 29.58 8.98
CA ARG D 175 -43.80 28.41 8.16
C ARG D 175 -43.46 28.64 6.70
N GLU D 176 -43.39 29.88 6.27
CA GLU D 176 -43.07 30.26 4.90
C GLU D 176 -42.02 31.35 4.90
N PRO D 177 -41.29 31.53 3.80
CA PRO D 177 -40.45 32.72 3.65
C PRO D 177 -41.29 33.98 3.79
N GLU D 178 -40.66 35.02 4.34
CA GLU D 178 -41.28 36.33 4.43
C GLU D 178 -40.44 37.33 3.65
N LEU D 179 -41.06 37.99 2.67
CA LEU D 179 -40.40 38.93 1.81
C LEU D 179 -40.74 40.36 2.20
N GLU D 180 -39.76 41.25 2.09
CA GLU D 180 -39.98 42.69 2.23
C GLU D 180 -39.33 43.39 1.05
N GLU D 181 -40.13 44.19 0.34
CA GLU D 181 -39.68 44.90 -0.86
C GLU D 181 -39.15 43.93 -1.92
N GLY D 182 -39.85 42.82 -2.09
CA GLY D 182 -39.49 41.83 -3.09
C GLY D 182 -38.35 40.92 -2.74
N SER D 183 -37.69 41.11 -1.60
CA SER D 183 -36.53 40.34 -1.21
C SER D 183 -36.83 39.50 0.04
N VAL D 184 -36.28 38.27 0.10
CA VAL D 184 -36.53 37.42 1.26
C VAL D 184 -35.79 37.95 2.47
N ARG D 185 -36.51 38.15 3.57
CA ARG D 185 -35.89 38.62 4.81
C ARG D 185 -35.75 37.54 5.87
N ARG D 186 -36.69 36.61 5.93
CA ARG D 186 -36.73 35.59 6.98
C ARG D 186 -37.16 34.25 6.39
N LEU D 187 -36.58 33.17 6.91
CA LEU D 187 -36.88 31.81 6.49
C LEU D 187 -37.18 30.96 7.71
N PRO D 188 -38.00 29.91 7.54
CA PRO D 188 -38.33 29.04 8.68
C PRO D 188 -37.11 28.31 9.21
N ALA D 189 -36.94 28.31 10.53
CA ALA D 189 -35.90 27.50 11.14
C ALA D 189 -36.34 26.03 11.23
N SER D 190 -35.37 25.13 11.22
CA SER D 190 -35.62 23.71 11.40
C SER D 190 -36.80 23.24 10.53
N HIS D 191 -36.68 23.47 9.23
CA HIS D 191 -37.84 23.29 8.38
C HIS D 191 -37.50 22.49 7.11
N TYR D 192 -36.27 22.56 6.64
CA TYR D 192 -35.92 21.90 5.39
C TYR D 192 -35.20 20.58 5.66
N GLU D 193 -35.59 19.55 4.91
CA GLU D 193 -34.86 18.28 4.95
C GLU D 193 -33.53 18.41 4.22
N CYS D 194 -33.42 19.36 3.29
CA CYS D 194 -32.25 19.53 2.45
C CYS D 194 -32.02 21.01 2.12
N VAL D 195 -30.76 21.44 2.25
CA VAL D 195 -30.30 22.76 1.82
C VAL D 195 -29.16 22.58 0.83
N ILE D 196 -29.22 23.26 -0.30
CA ILE D 196 -28.27 23.08 -1.39
C ILE D 196 -27.45 24.35 -1.55
N PHE D 197 -26.12 24.20 -1.46
CA PHE D 197 -25.13 25.22 -1.81
C PHE D 197 -24.33 24.68 -2.99
N SER D 198 -24.88 24.85 -4.20
CA SER D 198 -24.23 24.35 -5.42
C SER D 198 -23.45 25.50 -6.04
N LEU D 199 -22.14 25.50 -5.82
CA LEU D 199 -21.21 26.48 -6.39
C LEU D 199 -21.54 27.89 -5.92
N LEU D 200 -21.86 27.99 -4.62
CA LEU D 200 -22.27 29.23 -3.99
C LEU D 200 -21.15 29.88 -3.20
N LEU D 201 -20.44 29.10 -2.38
CA LEU D 201 -19.54 29.66 -1.38
C LEU D 201 -18.30 30.33 -1.97
N GLU D 202 -17.98 30.10 -3.25
CA GLU D 202 -16.88 30.83 -3.85
C GLU D 202 -17.19 32.32 -4.01
N TYR D 203 -18.45 32.72 -3.95
CA TYR D 203 -18.83 34.12 -4.10
C TYR D 203 -18.83 34.89 -2.78
N SER D 206 -15.25 36.56 2.27
CA SER D 206 -14.40 36.06 3.33
C SER D 206 -14.82 34.66 3.77
N ALA D 207 -13.84 33.90 4.30
CA ALA D 207 -14.14 32.60 4.86
C ALA D 207 -15.09 32.70 6.04
N GLU D 208 -15.08 33.84 6.75
CA GLU D 208 -16.01 34.03 7.86
C GLU D 208 -17.45 34.12 7.35
N GLN D 209 -17.65 34.74 6.19
CA GLN D 209 -18.98 34.75 5.58
C GLN D 209 -19.35 33.38 5.04
N ARG D 210 -18.37 32.66 4.47
CA ARG D 210 -18.59 31.27 4.07
C ARG D 210 -19.13 30.44 5.22
N LEU D 211 -18.58 30.63 6.42
CA LEU D 211 -19.08 29.90 7.58
C LEU D 211 -20.44 30.41 8.02
N GLN D 212 -20.70 31.72 7.89
CA GLN D 212 -22.01 32.25 8.24
C GLN D 212 -23.11 31.57 7.43
N CYS D 213 -22.86 31.36 6.14
CA CYS D 213 -23.80 30.59 5.33
C CYS D 213 -24.03 29.22 5.92
N CYS D 214 -22.95 28.55 6.32
CA CYS D 214 -23.07 27.19 6.80
C CYS D 214 -23.76 27.13 8.16
N LEU D 215 -23.55 28.15 9.00
CA LEU D 215 -24.31 28.24 10.25
C LEU D 215 -25.80 28.40 9.99
N GLN D 216 -26.16 29.30 9.08
CA GLN D 216 -27.58 29.50 8.77
C GLN D 216 -28.19 28.25 8.15
N ALA D 217 -27.43 27.55 7.31
CA ALA D 217 -27.91 26.27 6.77
C ALA D 217 -28.23 25.31 7.89
N TYR D 218 -27.32 25.15 8.84
CA TYR D 218 -27.59 24.29 9.99
C TYR D 218 -28.85 24.72 10.74
N ASP D 219 -29.07 26.04 10.86
CA ASP D 219 -30.28 26.52 11.51
C ASP D 219 -31.53 26.21 10.68
N LEU D 220 -31.39 26.12 9.36
CA LEU D 220 -32.54 25.86 8.51
C LEU D 220 -32.88 24.38 8.44
N LEU D 221 -31.91 23.50 8.65
CA LEU D 221 -32.14 22.07 8.45
C LEU D 221 -32.93 21.46 9.60
N LEU D 222 -33.83 20.55 9.24
CA LEU D 222 -34.43 19.62 10.17
C LEU D 222 -33.36 18.72 10.79
N PRO D 223 -33.63 18.16 11.95
CA PRO D 223 -32.75 17.11 12.49
C PRO D 223 -32.49 16.05 11.43
N GLU D 224 -31.20 15.73 11.21
CA GLU D 224 -30.70 14.72 10.28
C GLU D 224 -30.86 15.12 8.81
N GLY D 225 -31.25 16.37 8.55
CA GLY D 225 -31.22 16.87 7.19
C GLY D 225 -29.81 16.94 6.66
N ILE D 226 -29.69 17.25 5.37
CA ILE D 226 -28.38 17.28 4.74
C ILE D 226 -28.15 18.62 4.04
N LEU D 227 -26.91 19.09 4.13
CA LEU D 227 -26.47 20.26 3.39
C LEU D 227 -25.64 19.73 2.22
N VAL D 228 -26.12 19.94 1.01
CA VAL D 228 -25.39 19.49 -0.16
C VAL D 228 -24.48 20.63 -0.60
N LEU D 229 -23.20 20.34 -0.69
CA LEU D 229 -22.19 21.37 -0.89
C LEU D 229 -21.41 20.98 -2.14
N ILE D 230 -21.53 21.78 -3.20
CA ILE D 230 -20.79 21.52 -4.45
C ILE D 230 -19.86 22.68 -4.72
N THR D 231 -18.57 22.36 -4.88
CA THR D 231 -17.49 23.35 -4.99
C THR D 231 -16.62 23.07 -6.20
N PRO D 232 -16.16 24.11 -6.89
CA PRO D 232 -15.19 23.92 -7.98
C PRO D 232 -13.81 23.55 -7.44
N ASP D 233 -12.96 23.07 -8.34
CA ASP D 233 -11.56 22.89 -8.00
C ASP D 233 -10.67 23.69 -8.92
N LYS D 245 -9.55 19.14 5.45
CA LYS D 245 -9.36 18.90 6.88
C LYS D 245 -9.99 20.02 7.71
N ASN D 246 -9.66 21.29 7.41
CA ASN D 246 -10.29 22.40 8.11
C ASN D 246 -11.81 22.43 7.87
N TRP D 247 -12.25 22.16 6.64
CA TRP D 247 -13.67 22.22 6.29
C TRP D 247 -14.50 21.28 7.16
N ARG D 248 -14.11 20.00 7.20
CA ARG D 248 -14.76 19.05 8.09
C ARG D 248 -14.60 19.48 9.54
N TYR D 249 -13.42 19.92 9.95
CA TYR D 249 -13.29 20.48 11.28
C TYR D 249 -14.27 21.62 11.47
N SER D 250 -14.25 22.59 10.56
CA SER D 250 -15.12 23.77 10.69
C SER D 250 -16.58 23.37 10.72
N LEU D 251 -17.00 22.51 9.78
CA LEU D 251 -18.41 22.14 9.70
C LEU D 251 -18.82 21.25 10.86
N ALA D 252 -17.95 20.31 11.28
CA ALA D 252 -18.26 19.52 12.47
C ALA D 252 -18.33 20.40 13.70
N ARG D 253 -17.55 21.48 13.73
CA ARG D 253 -17.63 22.44 14.82
C ARG D 253 -19.04 22.96 15.05
N ILE D 254 -19.81 23.15 13.97
CA ILE D 254 -21.13 23.74 14.08
C ILE D 254 -22.23 22.69 14.12
N GLY D 255 -21.89 21.41 13.95
CA GLY D 255 -22.87 20.35 14.15
C GLY D 255 -23.11 19.46 12.95
N LEU D 256 -22.30 19.63 11.90
CA LEU D 256 -22.48 18.99 10.60
C LEU D 256 -21.36 17.99 10.33
N LEU D 257 -21.71 16.71 10.19
CA LEU D 257 -20.74 15.65 9.92
C LEU D 257 -20.88 15.19 8.48
N ARG D 258 -19.74 15.05 7.78
CA ARG D 258 -19.76 14.66 6.37
C ARG D 258 -20.24 13.23 6.20
N VAL D 259 -21.03 13.00 5.14
CA VAL D 259 -21.63 11.69 4.90
C VAL D 259 -21.37 11.22 3.48
N ARG D 260 -20.88 12.11 2.63
CA ARG D 260 -20.62 11.74 1.25
C ARG D 260 -19.59 12.69 0.64
N PHE D 261 -18.67 12.13 -0.14
CA PHE D 261 -17.74 12.90 -0.96
C PHE D 261 -17.57 12.16 -2.27
N GLU D 262 -17.85 12.84 -3.38
CA GLU D 262 -17.57 12.26 -4.70
C GLU D 262 -17.03 13.33 -5.64
N LYS D 263 -16.05 12.94 -6.45
CA LYS D 263 -15.40 13.82 -7.40
C LYS D 263 -16.07 13.66 -8.77
N LEU D 264 -16.57 14.76 -9.31
CA LEU D 264 -17.10 14.85 -10.65
C LEU D 264 -16.19 15.72 -11.50
N PRO D 265 -16.35 15.72 -12.82
CA PRO D 265 -15.49 16.57 -13.66
C PRO D 265 -15.57 18.03 -13.22
N HIS D 266 -14.42 18.59 -12.88
CA HIS D 266 -14.20 19.99 -12.53
C HIS D 266 -14.83 20.41 -11.20
N ILE D 267 -15.41 19.48 -10.44
CA ILE D 267 -16.08 19.84 -9.19
C ILE D 267 -15.84 18.77 -8.13
N SER D 268 -16.12 19.15 -6.88
CA SER D 268 -16.24 18.22 -5.77
C SER D 268 -17.66 18.27 -5.23
N CYS D 269 -18.21 17.10 -4.89
CA CYS D 269 -19.59 16.97 -4.42
C CYS D 269 -19.59 16.43 -2.99
N VAL D 271 -21.75 16.10 0.99
CA VAL D 271 -23.00 16.16 1.74
C VAL D 271 -22.67 16.14 3.23
N PHE D 272 -23.19 17.13 3.96
CA PHE D 272 -23.00 17.22 5.39
C PHE D 272 -24.33 17.03 6.08
N ARG D 273 -24.34 16.23 7.14
CA ARG D 273 -25.57 15.85 7.81
C ARG D 273 -25.63 16.49 9.19
N LYS D 274 -26.79 17.06 9.51
CA LYS D 274 -27.03 17.60 10.85
C LYS D 274 -27.10 16.43 11.81
N ALA D 275 -26.02 16.21 12.55
CA ALA D 275 -25.91 15.02 13.40
C ALA D 275 -27.02 15.00 14.45
N ILE D 276 -27.33 13.78 14.92
CA ILE D 276 -28.37 13.62 15.93
C ILE D 276 -28.08 14.50 17.14
N SER D 277 -26.82 14.82 17.39
CA SER D 277 -26.43 15.64 18.51
C SER D 277 -25.31 16.57 18.09
N ARG D 278 -25.50 17.87 18.32
CA ARG D 278 -24.45 18.82 18.02
C ARG D 278 -23.23 18.61 18.90
N GLU D 279 -23.43 18.35 20.19
CA GLU D 279 -22.27 18.17 21.06
C GLU D 279 -21.44 16.96 20.64
N LEU D 280 -22.10 15.90 20.18
CA LEU D 280 -21.38 14.75 19.65
C LEU D 280 -20.53 15.16 18.45
N SER D 281 -21.12 15.89 17.52
CA SER D 281 -20.36 16.36 16.37
C SER D 281 -19.18 17.22 16.84
N GLN D 282 -19.40 18.08 17.82
CA GLN D 282 -18.34 18.95 18.31
C GLN D 282 -17.25 18.16 19.02
N HIS D 283 -17.59 17.02 19.62
CA HIS D 283 -16.55 16.17 20.20
C HIS D 283 -15.68 15.56 19.11
N TRP D 284 -16.32 14.99 18.08
CA TRP D 284 -15.60 14.48 16.92
C TRP D 284 -14.59 15.50 16.42
N ALA D 285 -15.02 16.76 16.30
CA ALA D 285 -14.13 17.78 15.75
C ALA D 285 -12.96 18.06 16.67
N SER D 286 -13.16 18.02 17.99
CA SER D 286 -12.04 18.15 18.93
C SER D 286 -10.99 17.08 18.66
N ILE D 287 -11.41 15.81 18.72
CA ILE D 287 -10.52 14.68 18.45
C ILE D 287 -9.84 14.86 17.09
N HIS D 288 -10.63 14.91 16.03
CA HIS D 288 -10.11 14.93 14.67
C HIS D 288 -9.64 16.30 14.22
N ARG D 289 -9.07 17.09 15.13
CA ARG D 289 -8.56 18.44 14.81
C ARG D 289 -7.27 18.38 14.02
#